data_1EZ1
#
_entry.id   1EZ1
#
_cell.length_a   61.800
_cell.length_b   179.400
_cell.length_c   75.300
_cell.angle_alpha   90.00
_cell.angle_beta   90.00
_cell.angle_gamma   90.00
#
_symmetry.space_group_name_H-M   'P 21 21 2'
#
loop_
_entity.id
_entity.type
_entity.pdbx_description
1 polymer 'PHOSPHORIBOSYLGLYCINAMIDE FORMYLTRANSFERASE 2'
2 non-polymer 'MAGNESIUM ION'
3 non-polymer 'ACETATE ION'
4 non-polymer 'SODIUM ION'
5 non-polymer 'PHOSPHOAMINOPHOSPHONIC ACID-ADENYLATE ESTER'
6 non-polymer 'GLYCINAMIDE RIBONUCLEOTIDE'
7 non-polymer '3[N-MORPHOLINO]PROPANE SULFONIC ACID'
8 water water
#
_entity_poly.entity_id   1
_entity_poly.type   'polypeptide(L)'
_entity_poly.pdbx_seq_one_letter_code
;MTLLGTALRPAATRVMLLGSGELGKEVAIECQRLGVEVIAVDRYADAPAMHVAHRSHVINMLDGDALRRVVELEKPHYIV
PEIEAIATDMLIQLEEEGLNVVPCARATKLTMNREGIRRLAAEELQLPTSTYRFADSESLFREAVADIGYPCIVKPVMSS
SGKGQTFIRSAEQLAQAWKYAQQGGRAGAGRVIVEGVVKFDFEITLLTVSAVDGVHFCAPVGHRQEDGDYRESWQPQQMS
PLALERAQEIARKVVLALGGYGLFGVELFVCGDEVIFSEVSPRPHDTGMVTLISQDLSEFALHVRAFLGLPVGGIRQYGP
AASAVILPQLTSQNVTFDNVQNAVGADLQIRLFGKPEIDGSRRLGVALATAESVVDAIERAKHAAGQVKVQG
;
_entity_poly.pdbx_strand_id   A,B
#
loop_
_chem_comp.id
_chem_comp.type
_chem_comp.name
_chem_comp.formula
ACT non-polymer 'ACETATE ION' 'C2 H3 O2 -1'
ANP non-polymer 'PHOSPHOAMINOPHOSPHONIC ACID-ADENYLATE ESTER' 'C10 H17 N6 O12 P3'
GAR non-polymer 'GLYCINAMIDE RIBONUCLEOTIDE' 'C7 H13 N2 O8 P -2'
MG non-polymer 'MAGNESIUM ION' 'Mg 2'
MPO non-polymer '3[N-MORPHOLINO]PROPANE SULFONIC ACID' 'C7 H15 N O4 S'
NA non-polymer 'SODIUM ION' 'Na 1'
#
# COMPACT_ATOMS: atom_id res chain seq x y z
N THR A 2 22.40 5.08 -6.13
CA THR A 2 21.53 3.95 -6.20
C THR A 2 20.67 3.94 -7.43
N LEU A 3 20.70 2.78 -8.03
CA LEU A 3 20.01 2.48 -9.24
C LEU A 3 18.98 1.39 -9.10
N LEU A 4 17.77 1.61 -9.59
CA LEU A 4 16.80 0.53 -9.59
C LEU A 4 16.44 0.14 -11.01
N GLY A 5 16.22 -1.13 -11.29
CA GLY A 5 15.77 -1.54 -12.60
C GLY A 5 14.25 -1.52 -12.64
N THR A 6 13.66 -2.13 -13.66
CA THR A 6 12.23 -2.28 -13.86
C THR A 6 11.89 -3.73 -13.65
N ALA A 7 10.98 -4.00 -12.71
CA ALA A 7 10.61 -5.38 -12.49
C ALA A 7 10.21 -6.08 -13.78
N LEU A 8 10.64 -7.35 -13.90
CA LEU A 8 10.38 -8.20 -15.02
C LEU A 8 11.28 -7.91 -16.24
N ARG A 9 12.07 -6.82 -16.20
CA ARG A 9 12.94 -6.51 -17.32
C ARG A 9 14.33 -7.01 -17.02
N PRO A 10 15.19 -7.03 -18.00
CA PRO A 10 16.53 -7.56 -17.74
C PRO A 10 17.35 -6.99 -16.62
N ALA A 11 17.27 -5.65 -16.43
CA ALA A 11 18.00 -4.98 -15.39
C ALA A 11 17.18 -4.87 -14.09
N ALA A 12 16.12 -5.69 -13.97
CA ALA A 12 15.29 -5.68 -12.76
C ALA A 12 16.10 -5.85 -11.46
N THR A 13 15.69 -5.15 -10.40
CA THR A 13 16.26 -5.24 -9.06
C THR A 13 15.40 -6.32 -8.38
N ARG A 14 16.01 -7.49 -8.03
CA ARG A 14 15.24 -8.65 -7.54
C ARG A 14 15.44 -8.85 -6.06
N VAL A 15 14.28 -8.97 -5.39
CA VAL A 15 14.21 -9.17 -3.94
C VAL A 15 13.58 -10.55 -3.67
N MET A 16 14.21 -11.37 -2.81
CA MET A 16 13.61 -12.63 -2.52
C MET A 16 13.22 -12.62 -1.04
N LEU A 17 11.94 -12.87 -0.77
CA LEU A 17 11.48 -12.90 0.62
C LEU A 17 11.54 -14.37 1.10
N LEU A 18 12.16 -14.62 2.27
CA LEU A 18 12.15 -15.96 2.82
C LEU A 18 11.23 -15.87 4.02
N GLY A 19 9.99 -16.27 3.74
CA GLY A 19 8.85 -16.14 4.63
C GLY A 19 7.90 -15.10 3.97
N SER A 20 6.67 -15.52 3.77
CA SER A 20 5.66 -14.77 3.05
C SER A 20 4.40 -14.52 3.91
N GLY A 21 4.58 -14.25 5.19
CA GLY A 21 3.44 -13.98 6.05
C GLY A 21 2.99 -12.53 5.83
N GLU A 22 2.17 -12.04 6.74
CA GLU A 22 1.61 -10.70 6.66
C GLU A 22 2.66 -9.62 6.67
N LEU A 23 3.77 -9.86 7.37
CA LEU A 23 4.83 -8.88 7.43
C LEU A 23 5.47 -8.73 6.02
N GLY A 24 5.83 -9.86 5.43
CA GLY A 24 6.40 -9.85 4.10
C GLY A 24 5.42 -9.34 3.04
N LYS A 25 4.13 -9.54 3.26
CA LYS A 25 3.18 -9.06 2.30
C LYS A 25 3.34 -7.56 2.13
N GLU A 26 3.51 -6.82 3.24
CA GLU A 26 3.71 -5.38 3.17
C GLU A 26 5.09 -5.03 2.67
N VAL A 27 6.10 -5.87 2.97
CA VAL A 27 7.39 -5.58 2.42
C VAL A 27 7.27 -5.68 0.87
N ALA A 28 6.54 -6.68 0.40
CA ALA A 28 6.31 -6.98 -1.02
C ALA A 28 5.61 -5.82 -1.71
N ILE A 29 4.59 -5.30 -1.06
CA ILE A 29 3.85 -4.15 -1.61
C ILE A 29 4.77 -2.95 -1.74
N GLU A 30 5.57 -2.68 -0.74
CA GLU A 30 6.50 -1.58 -0.76
C GLU A 30 7.59 -1.75 -1.83
N CYS A 31 8.00 -3.00 -2.09
CA CYS A 31 8.95 -3.29 -3.16
C CYS A 31 8.27 -2.99 -4.51
N GLN A 32 7.07 -3.52 -4.65
CA GLN A 32 6.28 -3.36 -5.84
C GLN A 32 6.00 -1.89 -6.15
N ARG A 33 5.86 -1.09 -5.09
CA ARG A 33 5.63 0.36 -5.25
C ARG A 33 6.82 1.06 -5.92
N LEU A 34 8.02 0.44 -5.82
CA LEU A 34 9.20 0.97 -6.43
C LEU A 34 9.55 0.19 -7.72
N GLY A 35 8.67 -0.67 -8.20
CA GLY A 35 8.92 -1.43 -9.41
C GLY A 35 10.01 -2.48 -9.17
N VAL A 36 10.20 -2.88 -7.89
CA VAL A 36 11.17 -3.89 -7.46
C VAL A 36 10.58 -5.25 -7.66
N GLU A 37 11.34 -6.17 -8.28
CA GLU A 37 10.86 -7.50 -8.58
C GLU A 37 10.91 -8.34 -7.29
N VAL A 38 9.78 -8.98 -7.03
CA VAL A 38 9.57 -9.74 -5.82
C VAL A 38 9.28 -11.22 -6.04
N ILE A 39 10.14 -12.03 -5.40
CA ILE A 39 10.03 -13.51 -5.38
C ILE A 39 9.72 -13.88 -3.92
N ALA A 40 8.55 -14.44 -3.75
CA ALA A 40 8.10 -14.82 -2.44
C ALA A 40 8.24 -16.34 -2.25
N VAL A 41 8.96 -16.68 -1.19
CA VAL A 41 9.16 -18.07 -0.83
C VAL A 41 8.60 -18.35 0.55
N ASP A 42 8.04 -19.56 0.73
CA ASP A 42 7.57 -19.98 2.04
C ASP A 42 7.50 -21.49 2.04
N ARG A 43 7.01 -22.04 3.16
CA ARG A 43 6.84 -23.48 3.41
C ARG A 43 5.47 -24.00 3.02
N TYR A 44 4.61 -23.07 2.60
CA TYR A 44 3.27 -23.39 2.12
C TYR A 44 2.84 -22.41 1.01
N ALA A 45 1.97 -22.88 0.14
CA ALA A 45 1.49 -22.13 -0.97
C ALA A 45 0.36 -21.12 -0.67
N ASP A 46 0.35 -20.06 -1.48
CA ASP A 46 -0.67 -19.04 -1.32
C ASP A 46 -0.55 -18.27 -0.03
N ALA A 47 0.67 -18.16 0.45
CA ALA A 47 0.99 -17.38 1.61
C ALA A 47 0.79 -15.92 1.22
N PRO A 48 0.39 -15.11 2.18
CA PRO A 48 0.12 -13.70 1.97
C PRO A 48 1.01 -12.96 0.96
N ALA A 49 2.32 -12.90 1.23
CA ALA A 49 3.24 -12.19 0.35
C ALA A 49 3.25 -12.73 -1.08
N MET A 50 2.86 -14.00 -1.26
CA MET A 50 2.81 -14.61 -2.58
C MET A 50 1.71 -14.01 -3.46
N HIS A 51 0.65 -13.51 -2.81
CA HIS A 51 -0.47 -12.93 -3.51
C HIS A 51 -0.06 -11.67 -4.31
N VAL A 52 0.92 -10.95 -3.77
CA VAL A 52 1.41 -9.70 -4.30
C VAL A 52 2.80 -9.74 -4.89
N ALA A 53 3.32 -10.96 -5.13
CA ALA A 53 4.65 -11.12 -5.72
C ALA A 53 4.61 -11.48 -7.21
N HIS A 54 5.73 -11.21 -7.89
CA HIS A 54 5.79 -11.56 -9.30
C HIS A 54 5.82 -13.05 -9.47
N ARG A 55 6.58 -13.72 -8.59
CA ARG A 55 6.66 -15.18 -8.60
C ARG A 55 6.81 -15.73 -7.17
N SER A 56 6.34 -16.99 -6.96
CA SER A 56 6.45 -17.66 -5.66
C SER A 56 7.03 -19.06 -5.77
N HIS A 57 7.63 -19.50 -4.68
CA HIS A 57 8.16 -20.87 -4.59
C HIS A 57 7.88 -21.42 -3.20
N VAL A 58 7.62 -22.71 -3.11
CA VAL A 58 7.37 -23.34 -1.83
C VAL A 58 8.48 -24.36 -1.63
N ILE A 59 9.29 -24.18 -0.60
CA ILE A 59 10.42 -25.06 -0.31
C ILE A 59 10.59 -25.17 1.18
N ASN A 60 11.51 -26.03 1.54
CA ASN A 60 11.82 -26.19 2.93
C ASN A 60 12.88 -25.16 3.23
N MET A 61 12.49 -24.05 3.86
CA MET A 61 13.47 -22.99 4.10
C MET A 61 14.54 -23.32 5.12
N LEU A 62 14.32 -24.45 5.81
CA LEU A 62 15.29 -24.92 6.78
C LEU A 62 16.31 -25.83 6.15
N ASP A 63 16.03 -26.24 4.93
CA ASP A 63 16.94 -27.03 4.13
C ASP A 63 17.87 -26.11 3.33
N GLY A 64 19.13 -26.05 3.79
CA GLY A 64 20.15 -25.22 3.18
C GLY A 64 20.36 -25.47 1.69
N ASP A 65 20.20 -26.74 1.28
CA ASP A 65 20.36 -27.09 -0.12
C ASP A 65 19.22 -26.53 -0.93
N ALA A 66 18.00 -26.65 -0.39
CA ALA A 66 16.78 -26.16 -1.04
C ALA A 66 16.89 -24.63 -1.23
N LEU A 67 17.39 -23.96 -0.22
CA LEU A 67 17.61 -22.50 -0.25
C LEU A 67 18.59 -22.12 -1.35
N ARG A 68 19.71 -22.82 -1.35
CA ARG A 68 20.73 -22.60 -2.34
C ARG A 68 20.12 -22.76 -3.72
N ARG A 69 19.36 -23.81 -3.88
CA ARG A 69 18.70 -24.07 -5.12
C ARG A 69 17.79 -22.92 -5.59
N VAL A 70 16.89 -22.45 -4.74
CA VAL A 70 15.97 -21.39 -5.17
C VAL A 70 16.69 -20.09 -5.45
N VAL A 71 17.75 -19.81 -4.69
CA VAL A 71 18.55 -18.63 -4.88
C VAL A 71 19.29 -18.69 -6.18
N GLU A 72 19.82 -19.86 -6.50
CA GLU A 72 20.54 -19.98 -7.76
C GLU A 72 19.58 -19.87 -8.90
N LEU A 73 18.40 -20.37 -8.67
CA LEU A 73 17.37 -20.31 -9.67
C LEU A 73 16.92 -18.89 -9.99
N GLU A 74 16.63 -18.10 -8.98
CA GLU A 74 16.06 -16.77 -9.19
C GLU A 74 17.04 -15.64 -9.22
N LYS A 75 18.24 -15.87 -8.71
CA LYS A 75 19.26 -14.86 -8.71
C LYS A 75 18.83 -13.50 -8.17
N PRO A 76 18.32 -13.50 -6.94
CA PRO A 76 17.91 -12.24 -6.31
C PRO A 76 19.12 -11.43 -5.97
N HIS A 77 18.95 -10.11 -5.96
CA HIS A 77 20.01 -9.21 -5.55
C HIS A 77 19.99 -9.16 -4.00
N TYR A 78 18.75 -9.22 -3.42
CA TYR A 78 18.53 -9.18 -1.97
C TYR A 78 17.73 -10.39 -1.51
N ILE A 79 18.21 -10.96 -0.39
CA ILE A 79 17.52 -12.05 0.28
C ILE A 79 17.05 -11.38 1.58
N VAL A 80 15.71 -11.35 1.72
CA VAL A 80 15.03 -10.69 2.83
C VAL A 80 14.26 -11.71 3.65
N PRO A 81 14.93 -12.19 4.71
CA PRO A 81 14.28 -13.16 5.57
C PRO A 81 13.17 -12.47 6.38
N GLU A 82 12.04 -13.11 6.42
CA GLU A 82 10.85 -12.55 7.07
C GLU A 82 10.45 -13.33 8.33
N ILE A 83 11.00 -14.53 8.49
CA ILE A 83 10.77 -15.40 9.65
C ILE A 83 12.09 -15.86 10.18
N GLU A 84 12.06 -16.45 11.38
CA GLU A 84 13.29 -16.88 12.06
C GLU A 84 13.87 -18.21 11.60
N ALA A 85 12.94 -19.09 11.26
CA ALA A 85 13.11 -20.47 10.84
C ALA A 85 13.54 -20.69 9.38
N ILE A 86 14.78 -20.26 9.18
CA ILE A 86 15.49 -20.30 7.92
C ILE A 86 16.86 -20.92 8.13
N ALA A 87 17.44 -21.49 7.06
CA ALA A 87 18.77 -22.08 7.11
C ALA A 87 19.84 -21.03 7.09
N THR A 88 20.01 -20.42 8.26
CA THR A 88 20.95 -19.33 8.44
C THR A 88 22.39 -19.63 8.06
N ASP A 89 22.77 -20.88 8.22
CA ASP A 89 24.14 -21.23 7.86
C ASP A 89 24.35 -21.07 6.35
N MET A 90 23.33 -21.45 5.57
CA MET A 90 23.38 -21.26 4.12
C MET A 90 23.35 -19.76 3.78
N LEU A 91 22.64 -18.92 4.56
CA LEU A 91 22.63 -17.49 4.26
C LEU A 91 24.03 -16.92 4.41
N ILE A 92 24.77 -17.46 5.37
CA ILE A 92 26.11 -16.97 5.60
C ILE A 92 26.96 -17.35 4.39
N GLN A 93 26.74 -18.59 3.95
CA GLN A 93 27.49 -19.07 2.77
C GLN A 93 27.23 -18.18 1.58
N LEU A 94 25.95 -18.07 1.27
CA LEU A 94 25.51 -17.25 0.20
C LEU A 94 26.02 -15.85 0.31
N GLU A 95 26.05 -15.33 1.53
CA GLU A 95 26.46 -13.96 1.65
C GLU A 95 27.92 -13.80 1.25
N GLU A 96 28.66 -14.83 1.58
CA GLU A 96 30.08 -14.86 1.27
C GLU A 96 30.26 -14.96 -0.25
N GLU A 97 29.37 -15.77 -0.83
CA GLU A 97 29.37 -15.96 -2.28
C GLU A 97 28.94 -14.71 -3.02
N GLY A 98 28.68 -13.64 -2.26
CA GLY A 98 28.28 -12.37 -2.85
C GLY A 98 26.81 -11.96 -2.72
N LEU A 99 25.93 -12.78 -2.17
CA LEU A 99 24.55 -12.33 -2.06
C LEU A 99 24.32 -11.37 -0.89
N ASN A 100 23.44 -10.40 -1.09
CA ASN A 100 23.08 -9.47 -0.03
C ASN A 100 21.90 -10.06 0.77
N VAL A 101 22.20 -10.31 2.04
CA VAL A 101 21.24 -10.83 3.03
C VAL A 101 20.79 -9.64 3.93
N VAL A 102 19.48 -9.42 4.03
CA VAL A 102 19.02 -8.29 4.83
C VAL A 102 18.64 -8.67 6.24
N PRO A 103 19.22 -8.00 7.23
CA PRO A 103 20.17 -6.92 7.11
C PRO A 103 21.61 -7.39 6.82
N CYS A 104 21.95 -8.57 7.35
CA CYS A 104 23.22 -9.25 7.13
C CYS A 104 23.01 -10.66 7.60
N ALA A 105 23.81 -11.59 7.12
CA ALA A 105 23.62 -12.99 7.54
C ALA A 105 23.91 -13.29 9.02
N ARG A 106 24.91 -12.61 9.57
CA ARG A 106 25.24 -12.79 10.98
C ARG A 106 24.04 -12.33 11.82
N ALA A 107 23.37 -11.25 11.45
CA ALA A 107 22.20 -10.81 12.22
C ALA A 107 21.14 -11.90 12.26
N THR A 108 20.93 -12.57 11.16
CA THR A 108 19.94 -13.58 11.11
C THR A 108 20.27 -14.82 11.95
N LYS A 109 21.55 -15.21 11.96
CA LYS A 109 22.02 -16.35 12.71
C LYS A 109 21.90 -16.10 14.21
N LEU A 110 22.37 -14.94 14.62
CA LEU A 110 22.32 -14.57 16.01
C LEU A 110 20.90 -14.54 16.58
N THR A 111 19.95 -14.00 15.83
CA THR A 111 18.60 -13.89 16.37
C THR A 111 17.71 -15.12 16.21
N MET A 112 18.12 -16.10 15.41
CA MET A 112 17.20 -17.19 15.27
C MET A 112 17.26 -18.17 16.42
N ASN A 113 18.29 -18.00 17.23
CA ASN A 113 18.53 -18.83 18.39
C ASN A 113 18.77 -17.89 19.55
N ARG A 114 17.87 -17.94 20.52
CA ARG A 114 17.98 -17.10 21.71
C ARG A 114 19.33 -17.05 22.34
N GLU A 115 20.03 -18.16 22.33
CA GLU A 115 21.34 -18.12 22.95
C GLU A 115 22.31 -17.17 22.30
N GLY A 116 22.21 -17.06 21.00
CA GLY A 116 23.13 -16.18 20.32
C GLY A 116 22.93 -14.73 20.66
N ILE A 117 21.68 -14.25 20.42
CA ILE A 117 21.36 -12.84 20.69
C ILE A 117 21.43 -12.51 22.21
N ARG A 118 20.92 -13.42 23.05
CA ARG A 118 20.94 -13.13 24.48
C ARG A 118 22.35 -12.93 25.01
N ARG A 119 23.25 -13.89 24.67
CA ARG A 119 24.63 -13.79 25.12
C ARG A 119 25.34 -12.59 24.53
N LEU A 120 25.00 -12.28 23.28
CA LEU A 120 25.63 -11.10 22.69
C LEU A 120 25.22 -9.80 23.44
N ALA A 121 23.90 -9.63 23.59
CA ALA A 121 23.39 -8.43 24.26
C ALA A 121 23.85 -8.30 25.72
N ALA A 122 23.68 -9.41 26.47
CA ALA A 122 24.02 -9.38 27.88
C ALA A 122 25.50 -9.45 28.20
N GLU A 123 26.17 -10.34 27.50
CA GLU A 123 27.60 -10.53 27.74
C GLU A 123 28.50 -9.67 26.87
N GLU A 124 28.25 -9.64 25.57
CA GLU A 124 29.15 -8.82 24.79
C GLU A 124 28.80 -7.35 24.79
N LEU A 125 27.51 -7.01 24.64
CA LEU A 125 27.18 -5.60 24.64
C LEU A 125 26.90 -5.04 26.03
N GLN A 126 26.77 -5.91 27.03
CA GLN A 126 26.50 -5.43 28.38
C GLN A 126 25.21 -4.65 28.52
N LEU A 127 24.23 -5.09 27.79
CA LEU A 127 22.91 -4.47 27.87
C LEU A 127 22.16 -5.11 29.03
N PRO A 128 21.26 -4.38 29.65
CA PRO A 128 20.52 -5.02 30.73
C PRO A 128 19.48 -5.97 30.19
N THR A 129 19.39 -7.18 30.77
CA THR A 129 18.35 -8.13 30.37
C THR A 129 17.82 -8.81 31.63
N SER A 130 16.78 -9.60 31.47
CA SER A 130 16.29 -10.43 32.57
C SER A 130 17.44 -11.40 32.93
N THR A 131 17.36 -12.05 34.08
CA THR A 131 18.34 -13.07 34.42
C THR A 131 18.02 -14.24 33.50
N TYR A 132 18.97 -15.12 33.22
CA TYR A 132 18.71 -16.25 32.34
C TYR A 132 19.76 -17.37 32.56
N ARG A 133 19.36 -18.54 32.12
CA ARG A 133 20.18 -19.73 32.14
C ARG A 133 19.72 -20.59 30.97
N PHE A 134 20.61 -21.39 30.38
CA PHE A 134 20.15 -22.24 29.30
C PHE A 134 20.23 -23.66 29.78
N ALA A 135 19.45 -24.57 29.19
CA ALA A 135 19.51 -25.94 29.61
C ALA A 135 19.19 -26.85 28.48
N ASP A 136 19.94 -27.95 28.36
CA ASP A 136 19.63 -28.90 27.31
C ASP A 136 19.28 -30.31 27.76
N SER A 137 18.96 -30.49 29.05
CA SER A 137 18.50 -31.74 29.63
C SER A 137 17.52 -31.34 30.72
N GLU A 138 16.58 -32.22 31.03
CA GLU A 138 15.60 -31.89 32.07
C GLU A 138 16.27 -31.61 33.41
N SER A 139 17.32 -32.37 33.69
CA SER A 139 17.97 -32.13 34.96
C SER A 139 18.66 -30.81 34.99
N LEU A 140 19.26 -30.46 33.87
CA LEU A 140 19.92 -29.17 33.83
C LEU A 140 18.87 -28.02 33.90
N PHE A 141 17.79 -28.31 33.25
CA PHE A 141 16.68 -27.41 33.25
C PHE A 141 16.24 -27.23 34.70
N ARG A 142 16.09 -28.33 35.44
CA ARG A 142 15.72 -28.22 36.82
C ARG A 142 16.72 -27.44 37.65
N GLU A 143 18.02 -27.60 37.41
CA GLU A 143 19.00 -26.81 38.14
C GLU A 143 18.88 -25.33 37.84
N ALA A 144 18.61 -25.05 36.55
CA ALA A 144 18.43 -23.69 36.04
C ALA A 144 17.32 -22.95 36.81
N VAL A 145 16.14 -23.60 36.85
CA VAL A 145 14.99 -23.05 37.55
C VAL A 145 15.33 -22.77 38.98
N ALA A 146 15.97 -23.76 39.62
CA ALA A 146 16.38 -23.57 41.01
C ALA A 146 17.22 -22.33 41.21
N ASP A 147 18.14 -22.09 40.28
CA ASP A 147 19.03 -20.96 40.40
C ASP A 147 18.32 -19.64 40.03
N ILE A 148 17.46 -19.71 39.02
CA ILE A 148 16.74 -18.53 38.55
C ILE A 148 15.67 -18.15 39.59
N GLY A 149 14.92 -19.11 40.06
CA GLY A 149 13.85 -18.85 41.02
C GLY A 149 12.52 -18.74 40.32
N TYR A 150 11.45 -18.61 41.10
CA TYR A 150 10.09 -18.50 40.61
C TYR A 150 9.57 -17.08 40.87
N PRO A 151 8.75 -16.56 39.96
CA PRO A 151 8.40 -17.31 38.75
C PRO A 151 9.50 -17.09 37.72
N CYS A 152 9.46 -17.92 36.70
CA CYS A 152 10.40 -17.82 35.62
C CYS A 152 9.68 -18.29 34.38
N ILE A 153 10.26 -17.93 33.24
CA ILE A 153 9.65 -18.37 31.99
C ILE A 153 10.60 -19.28 31.22
N VAL A 154 10.08 -20.39 30.75
CA VAL A 154 10.87 -21.29 29.93
C VAL A 154 10.45 -21.20 28.46
N LYS A 155 11.46 -21.05 27.60
CA LYS A 155 11.23 -21.03 26.17
C LYS A 155 12.31 -21.85 25.43
N PRO A 156 11.90 -22.48 24.35
CA PRO A 156 12.87 -23.17 23.49
C PRO A 156 13.81 -22.10 22.91
N VAL A 157 15.10 -22.40 22.62
CA VAL A 157 16.00 -21.40 22.04
C VAL A 157 15.67 -21.06 20.57
N MET A 158 14.89 -21.91 19.92
CA MET A 158 14.47 -21.60 18.56
C MET A 158 12.93 -21.63 18.37
N SER A 159 12.30 -20.51 18.73
CA SER A 159 10.85 -20.38 18.66
C SER A 159 10.40 -18.95 18.46
N SER A 160 9.13 -18.82 18.14
CA SER A 160 8.54 -17.53 17.94
C SER A 160 7.06 -17.51 18.23
N SER A 161 6.61 -16.32 18.51
CA SER A 161 5.24 -16.14 18.82
C SER A 161 4.82 -16.99 20.01
N GLY A 162 5.78 -17.22 20.90
CA GLY A 162 5.52 -17.93 22.13
C GLY A 162 5.27 -19.43 22.04
N LYS A 163 5.66 -20.10 20.96
CA LYS A 163 5.47 -21.55 20.94
C LYS A 163 6.42 -22.26 21.91
N GLY A 164 5.90 -23.25 22.68
CA GLY A 164 6.63 -24.09 23.64
C GLY A 164 7.08 -23.42 24.93
N GLN A 165 6.44 -22.31 25.24
CA GLN A 165 6.75 -21.46 26.36
C GLN A 165 5.78 -21.62 27.54
N THR A 166 6.30 -21.56 28.75
CA THR A 166 5.53 -21.70 29.97
C THR A 166 5.96 -20.66 31.02
N PHE A 167 4.98 -20.05 31.69
CA PHE A 167 5.22 -19.11 32.77
C PHE A 167 5.22 -19.99 34.00
N ILE A 168 6.41 -20.22 34.57
CA ILE A 168 6.52 -21.16 35.68
C ILE A 168 6.38 -20.51 37.06
N ARG A 169 5.37 -20.97 37.80
CA ARG A 169 5.17 -20.39 39.13
C ARG A 169 5.55 -21.30 40.27
N SER A 170 5.55 -22.60 40.04
CA SER A 170 5.92 -23.57 41.07
C SER A 170 6.53 -24.79 40.43
N ALA A 171 7.30 -25.47 41.26
CA ALA A 171 7.96 -26.68 40.83
C ALA A 171 6.95 -27.65 40.24
N GLU A 172 5.71 -27.49 40.64
CA GLU A 172 4.67 -28.36 40.14
C GLU A 172 4.62 -28.38 38.60
N GLN A 173 4.94 -27.27 37.96
CA GLN A 173 4.88 -27.20 36.50
C GLN A 173 6.06 -27.73 35.74
N LEU A 174 7.16 -27.89 36.46
CA LEU A 174 8.43 -28.32 35.93
C LEU A 174 8.39 -29.42 34.88
N ALA A 175 7.70 -30.49 35.18
CA ALA A 175 7.68 -31.57 34.22
C ALA A 175 6.87 -31.24 32.98
N GLN A 176 5.72 -30.63 33.19
CA GLN A 176 4.92 -30.29 32.04
C GLN A 176 5.72 -29.27 31.27
N ALA A 177 6.24 -28.25 31.95
CA ALA A 177 6.99 -27.21 31.26
C ALA A 177 8.10 -27.71 30.33
N TRP A 178 8.87 -28.62 30.87
CA TRP A 178 9.97 -29.16 30.12
C TRP A 178 9.53 -29.93 28.89
N LYS A 179 8.55 -30.80 29.03
CA LYS A 179 8.05 -31.59 27.92
C LYS A 179 7.57 -30.66 26.81
N TYR A 180 6.75 -29.73 27.26
CA TYR A 180 6.17 -28.74 26.38
C TYR A 180 7.24 -27.94 25.70
N ALA A 181 8.29 -27.58 26.42
CA ALA A 181 9.34 -26.83 25.74
C ALA A 181 10.04 -27.73 24.73
N GLN A 182 9.91 -29.01 24.93
CA GLN A 182 10.50 -29.94 24.00
C GLN A 182 9.63 -30.01 22.76
N GLN A 183 8.33 -30.05 22.94
CA GLN A 183 7.45 -30.11 21.80
C GLN A 183 7.63 -28.90 20.89
N GLY A 184 7.86 -27.75 21.51
CA GLY A 184 8.13 -26.54 20.77
C GLY A 184 9.64 -26.52 20.55
N GLY A 185 10.08 -26.28 19.35
CA GLY A 185 11.51 -26.29 19.22
C GLY A 185 11.78 -27.25 18.11
N ARG A 186 13.02 -27.20 17.67
CA ARG A 186 13.51 -28.05 16.61
C ARG A 186 13.29 -29.53 16.93
N ALA A 187 12.87 -29.70 18.19
CA ALA A 187 12.47 -30.88 18.91
C ALA A 187 13.19 -32.08 18.35
N GLY A 190 15.37 -30.19 22.22
CA GLY A 190 16.35 -29.12 22.08
C GLY A 190 16.66 -28.33 23.37
N ARG A 191 17.52 -27.33 23.22
CA ARG A 191 17.93 -26.47 24.30
C ARG A 191 16.88 -25.40 24.61
N VAL A 192 16.90 -24.97 25.85
CA VAL A 192 15.96 -23.96 26.30
C VAL A 192 16.64 -22.87 27.06
N ILE A 193 15.89 -21.76 27.22
CA ILE A 193 16.32 -20.61 28.02
C ILE A 193 15.31 -20.57 29.17
N VAL A 194 15.81 -20.20 30.35
CA VAL A 194 15.03 -20.06 31.53
C VAL A 194 15.30 -18.65 31.95
N GLU A 195 14.26 -17.79 31.89
CA GLU A 195 14.50 -16.40 32.22
C GLU A 195 13.75 -15.95 33.46
N GLY A 196 14.36 -15.10 34.25
CA GLY A 196 13.62 -14.60 35.41
C GLY A 196 12.53 -13.64 34.88
N VAL A 197 11.35 -13.59 35.54
CA VAL A 197 10.26 -12.71 35.11
C VAL A 197 10.54 -11.26 35.47
N VAL A 198 10.54 -10.35 34.47
CA VAL A 198 10.77 -8.93 34.74
C VAL A 198 9.36 -8.34 34.97
N LYS A 199 9.18 -7.67 36.08
CA LYS A 199 7.88 -7.08 36.35
C LYS A 199 7.97 -5.64 35.85
N PHE A 200 7.61 -5.48 34.58
CA PHE A 200 7.73 -4.17 33.98
C PHE A 200 6.43 -3.40 34.13
N ASP A 201 6.57 -2.07 34.03
CA ASP A 201 5.41 -1.19 34.06
C ASP A 201 4.62 -1.42 32.77
N PHE A 202 5.40 -1.52 31.67
CA PHE A 202 4.84 -1.79 30.35
C PHE A 202 5.99 -2.26 29.44
N GLU A 203 5.62 -2.86 28.30
CA GLU A 203 6.65 -3.26 27.36
C GLU A 203 6.44 -2.53 26.05
N ILE A 204 7.54 -2.31 25.32
CA ILE A 204 7.50 -1.62 24.03
C ILE A 204 8.33 -2.32 22.96
N THR A 205 8.10 -1.88 21.75
CA THR A 205 8.87 -2.27 20.61
C THR A 205 9.44 -0.99 20.05
N LEU A 206 10.75 -0.84 20.05
CA LEU A 206 11.40 0.35 19.49
C LEU A 206 11.86 0.00 18.06
N LEU A 207 11.07 0.39 17.03
CA LEU A 207 11.35 0.13 15.63
C LEU A 207 12.48 1.05 15.20
N THR A 208 13.65 0.43 14.99
CA THR A 208 14.90 1.14 14.71
C THR A 208 15.40 0.78 13.34
N VAL A 209 15.62 1.84 12.53
CA VAL A 209 16.11 1.71 11.16
C VAL A 209 17.55 2.10 11.09
N SER A 210 18.36 1.16 10.58
CA SER A 210 19.77 1.40 10.40
C SER A 210 19.89 1.60 8.87
N ALA A 211 20.29 2.79 8.45
CA ALA A 211 20.35 3.06 7.04
C ALA A 211 21.64 3.79 6.64
N VAL A 212 21.72 4.11 5.35
CA VAL A 212 22.88 4.82 4.83
C VAL A 212 23.03 6.14 5.55
N ASP A 213 21.89 6.75 5.92
CA ASP A 213 22.02 8.04 6.61
C ASP A 213 21.96 7.93 8.13
N GLY A 214 22.29 6.75 8.67
CA GLY A 214 22.27 6.59 10.11
C GLY A 214 21.12 5.76 10.70
N VAL A 215 21.07 5.82 12.02
CA VAL A 215 20.08 5.11 12.83
C VAL A 215 18.91 6.04 13.14
N HIS A 216 17.75 5.59 12.79
CA HIS A 216 16.59 6.40 13.05
C HIS A 216 15.63 5.63 13.92
N PHE A 217 14.90 6.36 14.77
CA PHE A 217 13.90 5.68 15.59
C PHE A 217 12.48 6.12 15.32
N CYS A 218 11.58 5.14 15.28
CA CYS A 218 10.14 5.38 15.22
C CYS A 218 9.71 5.68 16.66
N ALA A 219 8.56 6.34 16.86
CA ALA A 219 8.13 6.59 18.22
C ALA A 219 7.84 5.22 18.86
N PRO A 220 8.05 5.11 20.18
CA PRO A 220 7.86 3.85 20.87
C PRO A 220 6.51 3.26 20.69
N VAL A 221 6.46 1.97 20.37
CA VAL A 221 5.20 1.29 20.18
C VAL A 221 4.93 0.43 21.38
N GLY A 222 3.86 0.69 22.07
CA GLY A 222 3.55 -0.14 23.20
C GLY A 222 2.79 -1.34 22.73
N HIS A 223 2.85 -2.44 23.49
CA HIS A 223 2.08 -3.61 23.08
C HIS A 223 1.61 -4.42 24.27
N ARG A 224 0.55 -5.15 24.06
CA ARG A 224 -0.01 -6.02 25.08
C ARG A 224 0.02 -7.47 24.57
N GLN A 225 0.68 -8.37 25.34
CA GLN A 225 0.77 -9.78 24.92
C GLN A 225 -0.13 -10.66 25.72
N GLU A 226 -0.65 -11.71 25.14
CA GLU A 226 -1.50 -12.64 25.86
C GLU A 226 -1.42 -14.03 25.24
N ASP A 227 -1.03 -15.01 26.08
CA ASP A 227 -0.98 -16.41 25.67
C ASP A 227 -0.04 -16.59 24.48
N GLY A 228 1.09 -15.87 24.50
CA GLY A 228 2.08 -15.94 23.45
C GLY A 228 1.73 -15.18 22.18
N ASP A 229 0.73 -14.30 22.26
CA ASP A 229 0.38 -13.54 21.07
C ASP A 229 0.22 -12.07 21.41
N TYR A 230 0.74 -11.19 20.52
CA TYR A 230 0.51 -9.77 20.70
C TYR A 230 -0.99 -9.60 20.41
N ARG A 231 -1.67 -8.75 21.22
CA ARG A 231 -3.10 -8.56 21.02
C ARG A 231 -3.40 -7.18 20.48
N GLU A 232 -2.77 -6.22 21.06
CA GLU A 232 -2.90 -4.87 20.60
C GLU A 232 -1.56 -4.23 20.67
N SER A 233 -1.36 -3.15 19.85
CA SER A 233 -0.16 -2.32 19.92
C SER A 233 -0.65 -0.88 19.73
N TRP A 234 0.16 0.05 20.14
CA TRP A 234 -0.25 1.44 20.00
C TRP A 234 0.97 2.30 19.92
N GLN A 235 0.79 3.56 19.44
CA GLN A 235 1.91 4.47 19.31
C GLN A 235 1.38 5.90 19.31
N PRO A 236 2.04 6.78 20.00
CA PRO A 236 3.25 6.52 20.73
C PRO A 236 2.96 6.03 22.14
N GLN A 237 3.86 5.23 22.68
CA GLN A 237 3.70 4.82 24.06
C GLN A 237 4.42 5.86 24.86
N GLN A 238 3.75 6.45 25.84
CA GLN A 238 4.44 7.45 26.64
C GLN A 238 5.55 6.90 27.53
N MET A 239 6.67 7.63 27.54
CA MET A 239 7.84 7.32 28.33
C MET A 239 8.49 8.53 28.86
N SER A 240 9.16 8.40 29.99
CA SER A 240 9.90 9.52 30.49
C SER A 240 10.99 9.85 29.49
N PRO A 241 11.49 11.06 29.58
CA PRO A 241 12.58 11.46 28.70
C PRO A 241 13.81 10.56 28.89
N LEU A 242 14.15 10.29 30.14
CA LEU A 242 15.28 9.41 30.50
C LEU A 242 15.11 7.98 29.99
N ALA A 243 13.89 7.44 30.12
CA ALA A 243 13.58 6.12 29.64
C ALA A 243 13.73 6.03 28.12
N LEU A 244 13.21 7.01 27.40
CA LEU A 244 13.30 6.99 25.95
C LEU A 244 14.74 7.04 25.50
N GLU A 245 15.49 7.96 26.09
CA GLU A 245 16.88 8.05 25.76
C GLU A 245 17.61 6.73 26.05
N ARG A 246 17.33 6.11 27.20
CA ARG A 246 17.92 4.81 27.51
C ARG A 246 17.51 3.75 26.49
N ALA A 247 16.26 3.77 26.08
CA ALA A 247 15.80 2.80 25.11
C ALA A 247 16.49 2.98 23.77
N GLN A 248 16.68 4.23 23.40
CA GLN A 248 17.31 4.53 22.13
C GLN A 248 18.72 4.03 22.11
N GLU A 249 19.38 4.27 23.24
CA GLU A 249 20.78 3.88 23.42
C GLU A 249 20.92 2.37 23.22
N ILE A 250 20.07 1.63 23.91
CA ILE A 250 20.11 0.19 23.80
C ILE A 250 19.83 -0.23 22.37
N ALA A 251 18.81 0.35 21.76
CA ALA A 251 18.46 -0.06 20.42
C ALA A 251 19.54 0.19 19.41
N ARG A 252 20.15 1.34 19.53
CA ARG A 252 21.23 1.73 18.62
C ARG A 252 22.40 0.73 18.71
N LYS A 253 22.79 0.43 19.96
CA LYS A 253 23.85 -0.53 20.23
C LYS A 253 23.54 -1.86 19.62
N VAL A 254 22.30 -2.34 19.76
CA VAL A 254 21.92 -3.63 19.21
C VAL A 254 21.96 -3.71 17.69
N VAL A 255 21.32 -2.75 17.01
CA VAL A 255 21.27 -2.82 15.57
C VAL A 255 22.66 -2.67 14.94
N LEU A 256 23.46 -1.79 15.55
CA LEU A 256 24.79 -1.63 15.05
C LEU A 256 25.59 -2.90 15.25
N ALA A 257 25.42 -3.53 16.39
CA ALA A 257 26.14 -4.75 16.64
C ALA A 257 25.72 -5.85 15.69
N LEU A 258 24.46 -5.96 15.41
CA LEU A 258 24.03 -7.03 14.55
C LEU A 258 24.47 -6.80 13.11
N GLY A 259 24.53 -5.51 12.76
CA GLY A 259 24.96 -5.01 11.45
C GLY A 259 23.97 -5.07 10.28
N GLY A 260 24.30 -4.19 9.31
CA GLY A 260 23.52 -4.13 8.08
C GLY A 260 22.33 -3.19 8.14
N TYR A 261 21.87 -2.83 6.96
CA TYR A 261 20.72 -1.92 6.79
C TYR A 261 19.43 -2.66 6.83
N GLY A 262 18.48 -2.03 7.51
CA GLY A 262 17.16 -2.59 7.63
C GLY A 262 16.46 -2.00 8.88
N LEU A 263 15.21 -2.40 9.04
CA LEU A 263 14.45 -1.98 10.20
C LEU A 263 14.45 -3.15 11.18
N PHE A 264 14.70 -2.82 12.44
CA PHE A 264 14.72 -3.84 13.47
C PHE A 264 13.67 -3.54 14.55
N GLY A 265 12.97 -4.58 15.01
CA GLY A 265 11.99 -4.47 16.11
C GLY A 265 12.68 -4.78 17.44
N VAL A 266 13.18 -3.77 18.14
CA VAL A 266 13.87 -3.93 19.43
C VAL A 266 12.85 -3.98 20.60
N GLU A 267 12.61 -5.19 21.14
CA GLU A 267 11.67 -5.48 22.24
C GLU A 267 12.27 -5.10 23.57
N LEU A 268 11.61 -4.20 24.30
CA LEU A 268 12.16 -3.70 25.55
C LEU A 268 11.12 -3.69 26.64
N PHE A 269 11.61 -3.75 27.89
CA PHE A 269 10.76 -3.74 29.08
C PHE A 269 11.08 -2.46 29.79
N VAL A 270 10.02 -1.74 30.25
CA VAL A 270 10.28 -0.47 30.87
C VAL A 270 9.79 -0.51 32.30
N CYS A 271 10.67 -0.08 33.19
CA CYS A 271 10.39 0.00 34.62
C CYS A 271 10.70 1.44 35.05
N GLY A 272 9.71 2.33 34.86
CA GLY A 272 9.95 3.71 35.22
C GLY A 272 10.87 4.36 34.21
N ASP A 273 12.06 4.66 34.68
CA ASP A 273 13.06 5.27 33.84
C ASP A 273 14.08 4.22 33.39
N GLU A 274 13.94 2.99 33.89
CA GLU A 274 14.87 1.93 33.55
C GLU A 274 14.36 1.10 32.37
N VAL A 275 15.29 0.73 31.48
CA VAL A 275 14.93 -0.04 30.32
C VAL A 275 15.72 -1.37 30.24
N ILE A 276 15.04 -2.47 29.92
CA ILE A 276 15.69 -3.77 29.87
C ILE A 276 15.47 -4.38 28.53
N PHE A 277 16.54 -4.90 27.93
CA PHE A 277 16.43 -5.51 26.63
C PHE A 277 15.84 -6.90 26.72
N SER A 278 14.92 -7.25 25.80
CA SER A 278 14.31 -8.55 25.73
C SER A 278 14.78 -9.36 24.55
N GLU A 279 14.45 -8.92 23.35
CA GLU A 279 14.84 -9.61 22.11
C GLU A 279 14.73 -8.64 20.94
N VAL A 280 15.13 -9.04 19.74
CA VAL A 280 15.09 -8.12 18.60
C VAL A 280 14.78 -8.86 17.31
N SER A 281 13.85 -8.32 16.52
CA SER A 281 13.52 -8.88 15.18
C SER A 281 14.46 -8.13 14.19
N PRO A 282 15.36 -8.83 13.46
CA PRO A 282 16.26 -8.12 12.55
C PRO A 282 15.45 -7.93 11.23
N ARG A 283 14.22 -7.43 11.39
CA ARG A 283 13.30 -7.26 10.29
C ARG A 283 12.03 -6.62 10.88
N PRO A 284 11.03 -6.30 10.06
CA PRO A 284 9.80 -5.70 10.58
C PRO A 284 9.19 -6.63 11.61
N HIS A 285 8.56 -6.02 12.63
CA HIS A 285 7.97 -6.68 13.79
C HIS A 285 6.45 -6.65 13.77
N ASP A 286 5.79 -7.71 14.26
CA ASP A 286 4.34 -7.74 14.21
C ASP A 286 3.66 -6.51 14.87
N THR A 287 4.17 -6.13 16.03
CA THR A 287 3.60 -5.03 16.76
C THR A 287 3.69 -3.78 15.94
N GLY A 288 4.67 -3.69 15.05
CA GLY A 288 4.80 -2.49 14.24
C GLY A 288 3.74 -2.34 13.15
N MET A 289 2.83 -3.27 13.06
CA MET A 289 1.82 -3.16 12.06
C MET A 289 0.98 -1.89 12.33
N VAL A 290 1.06 -1.35 13.55
CA VAL A 290 0.34 -0.10 13.82
C VAL A 290 0.82 1.00 12.85
N THR A 291 2.10 0.95 12.42
CA THR A 291 2.69 1.94 11.51
C THR A 291 2.08 1.99 10.09
N LEU A 292 1.18 1.06 9.86
CA LEU A 292 0.43 0.95 8.64
C LEU A 292 -0.56 2.13 8.61
N ILE A 293 -0.90 2.62 9.80
CA ILE A 293 -1.83 3.75 9.90
C ILE A 293 -1.19 4.95 10.53
N SER A 294 -0.19 4.75 11.37
CA SER A 294 0.40 5.82 12.17
C SER A 294 1.57 6.63 11.63
N GLN A 295 2.13 6.21 10.47
CA GLN A 295 3.29 6.92 9.96
C GLN A 295 3.18 7.10 8.45
N ASP A 296 3.95 8.09 7.97
CA ASP A 296 3.99 8.31 6.54
C ASP A 296 4.64 7.08 5.90
N LEU A 297 5.74 6.64 6.52
CA LEU A 297 6.44 5.44 6.06
C LEU A 297 6.23 4.30 7.07
N SER A 298 5.52 3.27 6.64
CA SER A 298 5.31 2.13 7.53
C SER A 298 6.63 1.46 7.80
N GLU A 299 6.68 0.60 8.82
CA GLU A 299 7.90 -0.12 9.14
C GLU A 299 8.37 -0.93 7.93
N PHE A 300 7.40 -1.33 7.09
CA PHE A 300 7.64 -2.09 5.86
C PHE A 300 8.34 -1.22 4.83
N ALA A 301 7.79 -0.02 4.65
CA ALA A 301 8.37 0.97 3.75
C ALA A 301 9.78 1.34 4.20
N LEU A 302 9.98 1.51 5.50
CA LEU A 302 11.26 1.84 6.06
C LEU A 302 12.30 0.72 5.88
N HIS A 303 11.86 -0.52 6.04
CA HIS A 303 12.79 -1.65 5.89
C HIS A 303 13.35 -1.64 4.46
N VAL A 304 12.45 -1.46 3.50
CA VAL A 304 12.72 -1.42 2.06
C VAL A 304 13.65 -0.29 1.73
N ARG A 305 13.26 0.90 2.18
CA ARG A 305 14.08 2.07 1.96
C ARG A 305 15.53 1.86 2.38
N ALA A 306 15.67 1.40 3.64
CA ALA A 306 16.97 1.14 4.25
C ALA A 306 17.78 0.05 3.52
N PHE A 307 17.15 -1.09 3.24
CA PHE A 307 17.88 -2.16 2.58
C PHE A 307 18.33 -1.86 1.16
N LEU A 308 17.56 -1.06 0.43
CA LEU A 308 17.93 -0.63 -0.90
C LEU A 308 19.09 0.35 -0.89
N GLY A 309 19.55 0.79 0.30
CA GLY A 309 20.69 1.69 0.49
C GLY A 309 20.35 3.19 0.37
N LEU A 310 19.06 3.48 0.43
CA LEU A 310 18.60 4.85 0.30
C LEU A 310 18.49 5.45 1.69
N PRO A 311 18.56 6.77 1.79
CA PRO A 311 18.43 7.44 3.11
C PRO A 311 16.97 7.51 3.57
N VAL A 312 16.82 7.40 4.90
CA VAL A 312 15.52 7.48 5.53
C VAL A 312 15.03 8.94 5.55
N GLY A 313 15.93 9.80 6.02
CA GLY A 313 15.69 11.23 6.14
C GLY A 313 14.95 11.53 7.42
N GLY A 314 13.75 10.99 7.51
CA GLY A 314 12.96 11.19 8.73
C GLY A 314 11.69 10.40 8.64
N ILE A 315 11.01 10.32 9.77
CA ILE A 315 9.77 9.56 9.86
C ILE A 315 8.67 10.43 10.46
N ARG A 316 7.55 10.44 9.79
CA ARG A 316 6.44 11.23 10.32
C ARG A 316 5.43 10.34 11.06
N GLN A 317 5.07 10.78 12.31
CA GLN A 317 4.09 10.12 13.20
C GLN A 317 2.81 10.99 13.24
N TYR A 318 1.68 10.42 12.82
CA TYR A 318 0.46 11.19 12.70
C TYR A 318 -0.39 11.40 13.94
N GLY A 319 0.03 10.89 15.07
CA GLY A 319 -0.75 11.02 16.28
C GLY A 319 -1.11 9.66 16.83
N PRO A 320 -1.89 9.66 17.91
CA PRO A 320 -2.26 8.44 18.55
C PRO A 320 -2.91 7.43 17.64
N ALA A 321 -2.40 6.19 17.72
CA ALA A 321 -2.88 5.08 16.92
C ALA A 321 -2.69 3.68 17.58
N ALA A 322 -3.45 2.73 17.08
CA ALA A 322 -3.30 1.42 17.64
C ALA A 322 -3.65 0.38 16.59
N SER A 323 -3.23 -0.88 16.84
CA SER A 323 -3.59 -2.02 16.03
C SER A 323 -4.22 -3.05 16.99
N ALA A 324 -5.10 -3.89 16.49
CA ALA A 324 -5.67 -4.93 17.33
C ALA A 324 -5.82 -6.14 16.45
N VAL A 325 -5.30 -7.32 16.88
CA VAL A 325 -5.38 -8.48 16.01
C VAL A 325 -6.75 -9.09 15.78
N ILE A 326 -6.87 -9.71 14.60
CA ILE A 326 -8.03 -10.50 14.21
C ILE A 326 -7.46 -11.92 14.29
N LEU A 327 -7.67 -12.56 15.45
CA LEU A 327 -7.16 -13.87 15.80
C LEU A 327 -8.23 -14.87 16.19
N PRO A 328 -8.95 -15.37 15.20
CA PRO A 328 -10.02 -16.31 15.43
C PRO A 328 -9.50 -17.71 15.67
N GLN A 329 -10.42 -18.59 16.04
CA GLN A 329 -10.07 -19.96 16.31
C GLN A 329 -11.12 -20.83 15.71
N LEU A 330 -10.71 -21.57 14.68
CA LEU A 330 -11.53 -22.48 13.94
C LEU A 330 -10.60 -23.26 13.03
N THR A 331 -11.25 -24.13 12.31
CA THR A 331 -10.66 -25.02 11.36
C THR A 331 -11.39 -24.88 10.06
N SER A 332 -10.68 -24.35 9.10
CA SER A 332 -11.32 -24.17 7.84
C SER A 332 -10.28 -23.91 6.75
N GLN A 333 -10.66 -24.22 5.51
CA GLN A 333 -9.81 -23.94 4.36
C GLN A 333 -10.52 -22.99 3.39
N ASN A 334 -11.57 -22.30 3.88
CA ASN A 334 -12.38 -21.38 3.08
C ASN A 334 -13.00 -20.31 4.01
N VAL A 335 -12.14 -19.58 4.70
CA VAL A 335 -12.52 -18.60 5.70
C VAL A 335 -13.20 -17.37 5.09
N THR A 336 -14.27 -16.89 5.73
CA THR A 336 -14.98 -15.69 5.29
C THR A 336 -15.03 -14.69 6.42
N PHE A 337 -15.21 -13.40 6.05
CA PHE A 337 -15.24 -12.32 6.97
C PHE A 337 -16.47 -11.49 6.69
N ASP A 338 -17.39 -11.48 7.64
CA ASP A 338 -18.62 -10.74 7.47
C ASP A 338 -18.67 -9.55 8.44
N ASN A 339 -19.71 -8.72 8.24
CA ASN A 339 -19.90 -7.57 9.07
C ASN A 339 -18.75 -6.60 8.91
N VAL A 340 -18.08 -6.70 7.74
CA VAL A 340 -16.96 -5.81 7.51
C VAL A 340 -17.36 -4.31 7.55
N GLN A 341 -18.61 -4.03 7.17
CA GLN A 341 -19.14 -2.65 7.19
C GLN A 341 -19.12 -2.04 8.60
N ASN A 342 -19.02 -2.88 9.65
CA ASN A 342 -18.94 -2.43 11.05
C ASN A 342 -17.54 -2.45 11.66
N ALA A 343 -16.56 -2.71 10.79
CA ALA A 343 -15.17 -2.81 11.16
C ALA A 343 -14.26 -1.70 10.61
N VAL A 344 -14.80 -0.86 9.70
CA VAL A 344 -14.02 0.22 9.12
C VAL A 344 -14.94 1.45 9.17
N GLY A 345 -14.34 2.59 9.01
CA GLY A 345 -15.08 3.85 9.00
C GLY A 345 -14.13 4.96 9.23
N ALA A 346 -14.61 6.02 9.86
CA ALA A 346 -13.74 7.11 10.11
C ALA A 346 -12.62 6.68 11.05
N ASP A 347 -11.39 6.95 10.67
CA ASP A 347 -10.17 6.68 11.41
C ASP A 347 -10.05 5.23 11.83
N LEU A 348 -10.59 4.37 11.03
CA LEU A 348 -10.62 2.95 11.27
C LEU A 348 -10.44 2.18 9.98
N GLN A 349 -9.50 1.24 9.97
CA GLN A 349 -9.30 0.39 8.83
C GLN A 349 -9.01 -1.05 9.30
N ILE A 350 -9.00 -1.94 8.36
CA ILE A 350 -8.62 -3.32 8.64
C ILE A 350 -7.74 -3.84 7.50
N ARG A 351 -7.04 -4.95 7.73
CA ARG A 351 -6.23 -5.65 6.74
C ARG A 351 -6.59 -7.11 6.95
N LEU A 352 -6.86 -7.84 5.90
CA LEU A 352 -7.17 -9.28 5.96
C LEU A 352 -6.05 -9.89 5.12
N PHE A 353 -5.26 -10.73 5.74
CA PHE A 353 -4.06 -11.30 5.16
C PHE A 353 -4.09 -12.18 3.91
N GLY A 354 -5.20 -12.85 3.63
CA GLY A 354 -5.28 -13.79 2.51
C GLY A 354 -4.74 -15.21 2.88
N LYS A 355 -4.54 -15.53 4.17
CA LYS A 355 -4.04 -16.85 4.62
C LYS A 355 -5.04 -17.91 4.18
N PRO A 356 -4.56 -18.98 3.49
CA PRO A 356 -5.41 -20.00 2.89
C PRO A 356 -6.32 -20.89 3.74
N GLU A 357 -5.95 -21.02 4.99
CA GLU A 357 -6.67 -21.84 5.93
C GLU A 357 -6.26 -21.52 7.36
N ILE A 358 -6.98 -22.19 8.27
CA ILE A 358 -6.80 -22.08 9.70
C ILE A 358 -7.18 -23.44 10.33
N ASP A 359 -6.43 -23.80 11.36
CA ASP A 359 -6.70 -25.05 12.07
C ASP A 359 -6.29 -24.78 13.50
N GLY A 360 -7.18 -24.04 14.16
CA GLY A 360 -6.96 -23.59 15.50
C GLY A 360 -6.92 -22.06 15.52
N SER A 361 -6.00 -21.53 16.28
CA SER A 361 -5.84 -20.08 16.35
C SER A 361 -4.84 -19.53 15.32
N ARG A 362 -5.18 -18.46 14.64
CA ARG A 362 -4.25 -17.94 13.63
C ARG A 362 -4.56 -16.45 13.43
N ARG A 363 -3.50 -15.64 13.26
CA ARG A 363 -3.72 -14.20 13.05
C ARG A 363 -4.07 -14.02 11.57
N LEU A 364 -5.34 -13.82 11.28
CA LEU A 364 -5.79 -13.69 9.91
C LEU A 364 -5.96 -12.24 9.44
N GLY A 365 -5.84 -11.26 10.33
CA GLY A 365 -6.03 -9.88 9.92
C GLY A 365 -5.66 -8.99 11.08
N VAL A 366 -5.83 -7.68 10.88
CA VAL A 366 -5.51 -6.70 11.90
C VAL A 366 -6.41 -5.48 11.73
N ALA A 367 -6.81 -4.84 12.83
CA ALA A 367 -7.64 -3.64 12.74
C ALA A 367 -6.72 -2.54 13.13
N LEU A 368 -6.91 -1.36 12.54
CA LEU A 368 -6.06 -0.22 12.85
C LEU A 368 -6.97 1.03 13.07
N ALA A 369 -6.57 1.87 14.01
CA ALA A 369 -7.35 3.05 14.31
C ALA A 369 -6.48 4.19 14.77
N THR A 370 -7.00 5.43 14.60
CA THR A 370 -6.32 6.59 15.13
C THR A 370 -7.38 7.29 16.02
N ALA A 371 -6.90 8.14 16.93
CA ALA A 371 -7.77 8.84 17.87
C ALA A 371 -6.98 9.94 18.48
N GLU A 372 -7.54 10.73 19.44
CA GLU A 372 -6.78 11.79 20.10
C GLU A 372 -5.91 11.28 21.26
N SER A 373 -6.12 9.99 21.61
CA SER A 373 -5.36 9.28 22.66
C SER A 373 -5.18 7.79 22.28
N VAL A 374 -4.10 7.16 22.76
CA VAL A 374 -3.90 5.72 22.51
C VAL A 374 -5.03 4.89 23.14
N VAL A 375 -5.53 5.32 24.30
CA VAL A 375 -6.63 4.66 24.96
C VAL A 375 -7.81 4.54 24.03
N ASP A 376 -8.21 5.68 23.46
CA ASP A 376 -9.32 5.63 22.55
C ASP A 376 -8.99 4.84 21.28
N ALA A 377 -7.75 4.94 20.79
CA ALA A 377 -7.39 4.23 19.55
C ALA A 377 -7.46 2.73 19.75
N ILE A 378 -6.93 2.30 20.91
CA ILE A 378 -6.93 0.90 21.31
C ILE A 378 -8.34 0.37 21.32
N GLU A 379 -9.26 1.10 21.99
CA GLU A 379 -10.65 0.65 22.03
C GLU A 379 -11.32 0.56 20.65
N ARG A 380 -11.09 1.58 19.80
CA ARG A 380 -11.68 1.60 18.48
C ARG A 380 -11.14 0.42 17.64
N ALA A 381 -9.83 0.15 17.74
CA ALA A 381 -9.24 -0.97 17.00
C ALA A 381 -9.77 -2.31 17.52
N LYS A 382 -9.77 -2.53 18.83
CA LYS A 382 -10.28 -3.79 19.37
C LYS A 382 -11.71 -4.03 19.00
N HIS A 383 -12.49 -2.95 19.11
CA HIS A 383 -13.89 -3.06 18.80
C HIS A 383 -14.11 -3.49 17.35
N ALA A 384 -13.38 -2.83 16.44
CA ALA A 384 -13.48 -3.15 15.02
C ALA A 384 -13.03 -4.62 14.79
N ALA A 385 -11.90 -5.03 15.35
CA ALA A 385 -11.47 -6.43 15.17
C ALA A 385 -12.55 -7.37 15.63
N GLY A 386 -13.25 -6.95 16.70
CA GLY A 386 -14.33 -7.77 17.25
C GLY A 386 -15.54 -7.91 16.39
N GLN A 387 -15.82 -6.87 15.66
CA GLN A 387 -16.98 -6.86 14.81
C GLN A 387 -16.92 -7.83 13.67
N VAL A 388 -15.69 -8.15 13.26
CA VAL A 388 -15.50 -9.08 12.17
C VAL A 388 -15.97 -10.48 12.58
N LYS A 389 -16.92 -10.98 11.81
CA LYS A 389 -17.54 -12.26 11.93
C LYS A 389 -16.77 -13.25 11.04
N VAL A 390 -15.86 -13.94 11.69
CA VAL A 390 -15.02 -14.92 10.99
C VAL A 390 -15.74 -16.25 10.91
N GLN A 391 -15.92 -16.79 9.70
CA GLN A 391 -16.62 -18.05 9.54
C GLN A 391 -15.84 -18.96 8.63
N GLY A 392 -16.08 -20.26 8.70
CA GLY A 392 -15.32 -21.13 7.81
C GLY A 392 -16.05 -22.41 7.50
N THR B 2 -21.41 -6.49 4.31
CA THR B 2 -20.25 -6.81 3.46
C THR B 2 -19.52 -8.06 3.92
N LEU B 3 -19.56 -9.07 3.06
CA LEU B 3 -18.87 -10.31 3.36
C LEU B 3 -17.74 -10.47 2.37
N LEU B 4 -16.56 -10.65 2.88
CA LEU B 4 -15.44 -10.85 1.97
C LEU B 4 -14.89 -12.27 2.15
N GLY B 5 -14.56 -12.97 1.06
CA GLY B 5 -13.98 -14.30 1.18
C GLY B 5 -12.45 -14.15 1.34
N THR B 6 -11.74 -15.27 1.14
CA THR B 6 -10.27 -15.28 1.18
C THR B 6 -9.79 -15.49 -0.26
N ALA B 7 -8.93 -14.56 -0.77
CA ALA B 7 -8.43 -14.67 -2.15
C ALA B 7 -7.86 -16.08 -2.32
N LEU B 8 -8.13 -16.66 -3.47
CA LEU B 8 -7.67 -17.97 -3.89
C LEU B 8 -8.43 -19.15 -3.34
N ARG B 9 -9.37 -18.88 -2.42
CA ARG B 9 -10.21 -19.86 -1.78
C ARG B 9 -11.55 -19.81 -2.47
N PRO B 10 -12.28 -20.88 -2.37
CA PRO B 10 -13.52 -20.92 -3.09
C PRO B 10 -14.51 -19.78 -2.88
N ALA B 11 -14.55 -19.23 -1.67
CA ALA B 11 -15.50 -18.17 -1.42
C ALA B 11 -14.84 -16.81 -1.65
N ALA B 12 -13.71 -16.77 -2.34
CA ALA B 12 -13.01 -15.50 -2.58
C ALA B 12 -13.94 -14.43 -3.20
N THR B 13 -13.66 -13.18 -2.87
CA THR B 13 -14.36 -12.03 -3.46
C THR B 13 -13.42 -11.61 -4.60
N ARG B 14 -13.94 -11.59 -5.83
CA ARG B 14 -13.14 -11.26 -6.99
C ARG B 14 -13.44 -9.89 -7.62
N VAL B 15 -12.36 -9.17 -7.88
CA VAL B 15 -12.36 -7.86 -8.49
C VAL B 15 -11.57 -7.94 -9.79
N MET B 16 -12.16 -7.52 -10.90
CA MET B 16 -11.46 -7.50 -12.16
C MET B 16 -11.24 -6.05 -12.55
N LEU B 17 -9.97 -5.68 -12.77
CA LEU B 17 -9.62 -4.35 -13.19
C LEU B 17 -9.61 -4.33 -14.72
N LEU B 18 -10.23 -3.34 -15.35
CA LEU B 18 -10.24 -3.21 -16.78
C LEU B 18 -9.44 -1.95 -16.97
N GLY B 19 -8.15 -2.21 -17.16
CA GLY B 19 -7.10 -1.22 -17.23
C GLY B 19 -6.17 -1.45 -16.01
N SER B 20 -4.88 -1.67 -16.29
CA SER B 20 -3.86 -1.98 -15.30
C SER B 20 -2.70 -1.03 -15.25
N GLY B 21 -2.91 0.29 -15.38
CA GLY B 21 -1.83 1.27 -15.28
C GLY B 21 -1.60 1.57 -13.81
N GLU B 22 -0.90 2.65 -13.56
CA GLU B 22 -0.51 3.07 -12.23
C GLU B 22 -1.68 3.29 -11.26
N LEU B 23 -2.83 3.65 -11.81
CA LEU B 23 -4.01 3.90 -10.98
C LEU B 23 -4.52 2.56 -10.50
N GLY B 24 -4.73 1.66 -11.44
CA GLY B 24 -5.22 0.33 -11.09
C GLY B 24 -4.23 -0.42 -10.18
N LYS B 25 -2.94 -0.07 -10.27
CA LYS B 25 -1.94 -0.76 -9.45
C LYS B 25 -2.26 -0.51 -7.99
N GLU B 26 -2.58 0.76 -7.70
CA GLU B 26 -2.94 1.13 -6.34
C GLU B 26 -4.28 0.58 -5.88
N VAL B 27 -5.20 0.50 -6.82
CA VAL B 27 -6.49 -0.07 -6.54
C VAL B 27 -6.26 -1.54 -6.17
N ALA B 28 -5.35 -2.17 -6.92
CA ALA B 28 -5.04 -3.59 -6.71
C ALA B 28 -4.43 -3.84 -5.31
N ILE B 29 -3.47 -2.98 -4.96
CA ILE B 29 -2.79 -3.02 -3.70
C ILE B 29 -3.85 -2.90 -2.63
N GLU B 30 -4.83 -1.99 -2.79
CA GLU B 30 -5.91 -1.83 -1.81
C GLU B 30 -6.81 -3.04 -1.67
N CYS B 31 -7.16 -3.65 -2.78
CA CYS B 31 -7.94 -4.85 -2.76
C CYS B 31 -7.15 -5.98 -2.03
N GLN B 32 -5.87 -6.11 -2.35
CA GLN B 32 -4.99 -7.13 -1.78
C GLN B 32 -4.93 -7.04 -0.27
N ARG B 33 -4.91 -5.80 0.21
CA ARG B 33 -4.83 -5.50 1.61
C ARG B 33 -6.00 -6.04 2.40
N LEU B 34 -7.06 -6.32 1.70
CA LEU B 34 -8.29 -6.85 2.24
C LEU B 34 -8.46 -8.31 1.87
N GLY B 35 -7.44 -8.91 1.27
CA GLY B 35 -7.58 -10.32 0.90
C GLY B 35 -8.52 -10.58 -0.27
N VAL B 36 -8.76 -9.51 -1.03
CA VAL B 36 -9.63 -9.59 -2.20
C VAL B 36 -8.84 -10.10 -3.41
N GLU B 37 -9.46 -11.00 -4.15
CA GLU B 37 -8.80 -11.60 -5.30
C GLU B 37 -8.86 -10.64 -6.47
N VAL B 38 -7.70 -10.33 -7.05
CA VAL B 38 -7.63 -9.37 -8.14
C VAL B 38 -7.16 -9.97 -9.46
N ILE B 39 -7.95 -9.68 -10.50
CA ILE B 39 -7.64 -10.09 -11.87
C ILE B 39 -7.40 -8.78 -12.67
N ALA B 40 -6.16 -8.54 -13.15
CA ALA B 40 -5.83 -7.31 -13.85
C ALA B 40 -5.83 -7.54 -15.34
N VAL B 41 -6.67 -6.76 -16.04
CA VAL B 41 -6.83 -6.88 -17.48
C VAL B 41 -6.31 -5.61 -18.15
N ASP B 42 -5.61 -5.80 -19.26
CA ASP B 42 -5.05 -4.68 -20.01
C ASP B 42 -4.82 -5.11 -21.44
N ARG B 43 -4.35 -4.17 -22.27
CA ARG B 43 -4.16 -4.60 -23.64
C ARG B 43 -2.72 -4.99 -23.95
N TYR B 44 -1.89 -4.97 -22.92
CA TYR B 44 -0.52 -5.35 -23.05
C TYR B 44 -0.05 -6.08 -21.81
N ALA B 45 1.00 -6.91 -21.99
CA ALA B 45 1.53 -7.68 -20.88
C ALA B 45 2.40 -6.93 -19.90
N ASP B 46 2.30 -7.42 -18.67
CA ASP B 46 3.09 -6.85 -17.62
C ASP B 46 2.77 -5.42 -17.29
N ALA B 47 1.48 -5.05 -17.45
CA ALA B 47 1.03 -3.71 -17.06
C ALA B 47 1.18 -3.56 -15.54
N PRO B 48 1.45 -2.34 -15.03
CA PRO B 48 1.63 -2.10 -13.60
C PRO B 48 0.74 -2.90 -12.65
N ALA B 49 -0.58 -2.86 -12.83
CA ALA B 49 -1.49 -3.57 -11.92
C ALA B 49 -1.31 -5.06 -12.01
N MET B 50 -0.86 -5.57 -13.15
CA MET B 50 -0.65 -7.01 -13.24
C MET B 50 0.46 -7.49 -12.32
N HIS B 51 1.43 -6.61 -12.03
CA HIS B 51 2.53 -7.01 -11.16
C HIS B 51 2.02 -7.40 -9.77
N VAL B 52 0.94 -6.75 -9.33
CA VAL B 52 0.43 -6.97 -8.02
C VAL B 52 -0.90 -7.70 -7.98
N ALA B 53 -1.33 -8.23 -9.11
CA ALA B 53 -2.58 -8.94 -9.14
C ALA B 53 -2.39 -10.41 -8.88
N HIS B 54 -3.47 -11.15 -8.63
CA HIS B 54 -3.38 -12.61 -8.48
C HIS B 54 -3.09 -13.22 -9.84
N ARG B 55 -3.76 -12.68 -10.84
CA ARG B 55 -3.58 -13.11 -12.20
C ARG B 55 -3.97 -12.05 -13.22
N SER B 56 -3.57 -12.24 -14.48
CA SER B 56 -3.87 -11.24 -15.48
C SER B 56 -4.35 -11.76 -16.80
N HIS B 57 -4.85 -10.86 -17.62
CA HIS B 57 -5.31 -11.15 -18.97
C HIS B 57 -5.02 -9.97 -19.88
N VAL B 58 -4.51 -10.30 -21.07
CA VAL B 58 -4.18 -9.32 -22.08
C VAL B 58 -5.27 -9.42 -23.14
N ILE B 59 -6.07 -8.40 -23.32
CA ILE B 59 -7.12 -8.50 -24.30
C ILE B 59 -7.42 -7.13 -24.84
N ASN B 60 -8.18 -7.09 -25.95
CA ASN B 60 -8.59 -5.82 -26.50
C ASN B 60 -9.91 -5.50 -25.79
N MET B 61 -9.80 -4.58 -24.83
CA MET B 61 -10.93 -4.22 -24.01
C MET B 61 -12.00 -3.42 -24.73
N LEU B 62 -11.71 -3.04 -25.98
CA LEU B 62 -12.66 -2.35 -26.83
C LEU B 62 -13.47 -3.44 -27.53
N ASP B 63 -12.97 -4.67 -27.49
CA ASP B 63 -13.67 -5.77 -28.07
C ASP B 63 -14.67 -6.33 -27.08
N GLY B 64 -15.95 -6.02 -27.25
CA GLY B 64 -16.93 -6.54 -26.33
C GLY B 64 -16.93 -8.06 -26.21
N ASP B 65 -16.82 -8.77 -27.32
CA ASP B 65 -16.85 -10.23 -27.24
C ASP B 65 -15.70 -10.72 -26.39
N ALA B 66 -14.55 -10.05 -26.55
CA ALA B 66 -13.34 -10.33 -25.79
C ALA B 66 -13.60 -10.02 -24.30
N LEU B 67 -14.25 -8.88 -24.02
CA LEU B 67 -14.58 -8.51 -22.65
C LEU B 67 -15.55 -9.51 -22.01
N ARG B 68 -16.59 -9.90 -22.73
CA ARG B 68 -17.50 -10.86 -22.18
C ARG B 68 -16.78 -12.14 -21.84
N ARG B 69 -15.97 -12.63 -22.79
CA ARG B 69 -15.24 -13.87 -22.56
C ARG B 69 -14.48 -13.84 -21.24
N VAL B 70 -13.61 -12.81 -21.10
CA VAL B 70 -12.80 -12.68 -19.91
C VAL B 70 -13.67 -12.57 -18.66
N VAL B 71 -14.73 -11.80 -18.75
CA VAL B 71 -15.60 -11.63 -17.61
C VAL B 71 -16.22 -12.97 -17.21
N GLU B 72 -16.79 -13.61 -18.20
CA GLU B 72 -17.42 -14.85 -17.90
C GLU B 72 -16.41 -15.90 -17.49
N LEU B 73 -15.20 -15.75 -17.90
CA LEU B 73 -14.30 -16.78 -17.48
C LEU B 73 -13.87 -16.66 -16.03
N GLU B 74 -13.69 -15.44 -15.59
CA GLU B 74 -13.22 -15.17 -14.24
C GLU B 74 -14.33 -14.96 -13.22
N LYS B 75 -15.52 -14.72 -13.72
CA LYS B 75 -16.71 -14.51 -12.92
C LYS B 75 -16.40 -13.55 -11.79
N PRO B 76 -16.11 -12.30 -12.13
CA PRO B 76 -15.77 -11.37 -11.06
C PRO B 76 -17.04 -10.86 -10.37
N HIS B 77 -16.90 -10.44 -9.12
CA HIS B 77 -17.98 -9.88 -8.31
C HIS B 77 -18.07 -8.39 -8.60
N TYR B 78 -16.93 -7.82 -8.98
CA TYR B 78 -16.85 -6.42 -9.30
C TYR B 78 -15.98 -6.25 -10.52
N ILE B 79 -16.50 -5.44 -11.44
CA ILE B 79 -15.79 -5.04 -12.63
C ILE B 79 -15.44 -3.58 -12.39
N VAL B 80 -14.15 -3.30 -12.32
CA VAL B 80 -13.68 -1.97 -12.03
C VAL B 80 -12.92 -1.35 -13.17
N PRO B 81 -13.60 -0.44 -13.90
CA PRO B 81 -12.96 0.25 -15.01
C PRO B 81 -11.84 1.12 -14.50
N GLU B 82 -10.70 1.08 -15.21
CA GLU B 82 -9.56 1.86 -14.81
C GLU B 82 -9.16 2.95 -15.87
N ILE B 83 -9.61 2.77 -17.13
CA ILE B 83 -9.37 3.64 -18.28
C ILE B 83 -10.68 3.88 -19.01
N GLU B 84 -10.68 4.93 -19.80
CA GLU B 84 -11.87 5.28 -20.54
C GLU B 84 -12.11 4.32 -21.67
N ALA B 85 -11.07 3.93 -22.37
CA ALA B 85 -11.24 3.08 -23.52
C ALA B 85 -11.58 1.64 -23.28
N ILE B 86 -12.85 1.36 -23.06
CA ILE B 86 -13.35 0.02 -22.81
C ILE B 86 -14.69 -0.10 -23.53
N ALA B 87 -15.17 -1.30 -23.78
CA ALA B 87 -16.44 -1.45 -24.47
C ALA B 87 -17.67 -1.27 -23.54
N THR B 88 -17.98 0.01 -23.25
CA THR B 88 -19.07 0.40 -22.39
C THR B 88 -20.40 -0.26 -22.63
N ASP B 89 -20.65 -0.63 -23.88
CA ASP B 89 -21.88 -1.32 -24.22
C ASP B 89 -21.92 -2.69 -23.61
N MET B 90 -20.77 -3.34 -23.66
CA MET B 90 -20.64 -4.65 -23.10
C MET B 90 -20.85 -4.55 -21.59
N LEU B 91 -20.33 -3.46 -21.01
CA LEU B 91 -20.50 -3.26 -19.58
C LEU B 91 -21.97 -3.20 -19.22
N ILE B 92 -22.67 -2.39 -20.01
CA ILE B 92 -24.08 -2.20 -19.86
C ILE B 92 -24.81 -3.51 -19.94
N GLN B 93 -24.53 -4.21 -21.03
CA GLN B 93 -25.11 -5.50 -21.24
C GLN B 93 -24.81 -6.37 -20.04
N LEU B 94 -23.51 -6.51 -19.74
CA LEU B 94 -23.08 -7.31 -18.60
C LEU B 94 -23.82 -6.99 -17.31
N GLU B 95 -23.93 -5.69 -17.04
CA GLU B 95 -24.63 -5.20 -15.87
C GLU B 95 -26.06 -5.69 -15.90
N GLU B 96 -26.64 -5.60 -17.10
CA GLU B 96 -27.99 -6.06 -17.31
C GLU B 96 -28.08 -7.54 -16.99
N GLU B 97 -27.01 -8.27 -17.31
CA GLU B 97 -26.99 -9.70 -17.05
C GLU B 97 -26.73 -10.02 -15.61
N GLY B 98 -26.57 -8.99 -14.80
CA GLY B 98 -26.35 -9.22 -13.38
C GLY B 98 -25.00 -8.79 -12.83
N LEU B 99 -24.06 -8.42 -13.69
CA LEU B 99 -22.71 -8.02 -13.27
C LEU B 99 -22.63 -6.68 -12.51
N ASN B 100 -21.79 -6.62 -11.48
CA ASN B 100 -21.57 -5.38 -10.75
C ASN B 100 -20.44 -4.56 -11.39
N VAL B 101 -20.80 -3.46 -12.03
CA VAL B 101 -19.88 -2.54 -12.69
C VAL B 101 -19.71 -1.31 -11.82
N VAL B 102 -18.47 -0.95 -11.52
CA VAL B 102 -18.15 0.15 -10.61
C VAL B 102 -17.97 1.48 -11.34
N PRO B 103 -18.72 2.58 -11.01
CA PRO B 103 -19.79 2.69 -9.99
C PRO B 103 -21.11 2.11 -10.48
N CYS B 104 -21.33 2.22 -11.79
CA CYS B 104 -22.44 1.68 -12.51
C CYS B 104 -22.10 1.79 -13.98
N ALA B 105 -22.68 0.91 -14.80
CA ALA B 105 -22.35 0.89 -16.22
C ALA B 105 -22.74 2.17 -16.91
N ARG B 106 -23.89 2.70 -16.53
CA ARG B 106 -24.32 3.93 -17.17
C ARG B 106 -23.33 5.04 -16.96
N ALA B 107 -22.83 5.12 -15.74
CA ALA B 107 -21.88 6.14 -15.41
C ALA B 107 -20.68 6.05 -16.36
N THR B 108 -20.24 4.85 -16.71
CA THR B 108 -19.08 4.66 -17.60
C THR B 108 -19.33 5.13 -19.02
N LYS B 109 -20.49 4.73 -19.53
CA LYS B 109 -20.89 5.14 -20.85
C LYS B 109 -20.93 6.66 -20.94
N LEU B 110 -21.82 7.26 -20.15
CA LEU B 110 -22.06 8.68 -20.10
C LEU B 110 -20.86 9.58 -20.14
N THR B 111 -19.85 9.22 -19.34
CA THR B 111 -18.60 9.95 -19.22
C THR B 111 -17.65 9.72 -20.42
N MET B 112 -17.81 8.59 -21.10
CA MET B 112 -16.99 8.30 -22.25
C MET B 112 -17.32 9.35 -23.29
N ASN B 113 -18.61 9.62 -23.33
CA ASN B 113 -19.15 10.59 -24.23
C ASN B 113 -19.29 11.93 -23.55
N ARG B 114 -18.54 12.90 -24.06
CA ARG B 114 -18.66 14.21 -23.48
C ARG B 114 -19.94 14.79 -23.96
N GLU B 115 -20.63 14.04 -24.84
CA GLU B 115 -21.91 14.48 -25.39
C GLU B 115 -22.89 14.23 -24.26
N GLY B 116 -23.05 12.96 -23.93
CA GLY B 116 -23.93 12.54 -22.87
C GLY B 116 -23.67 13.26 -21.54
N ILE B 117 -22.43 13.26 -21.08
CA ILE B 117 -22.10 13.93 -19.83
C ILE B 117 -22.28 15.44 -19.84
N ARG B 118 -21.92 16.07 -20.94
CA ARG B 118 -22.05 17.51 -20.97
C ARG B 118 -23.48 17.94 -20.90
N ARG B 119 -24.31 17.20 -21.65
CA ARG B 119 -25.72 17.48 -21.69
C ARG B 119 -26.34 17.29 -20.29
N LEU B 120 -26.12 16.10 -19.72
CA LEU B 120 -26.60 15.78 -18.39
C LEU B 120 -26.26 16.85 -17.37
N ALA B 121 -24.99 17.21 -17.30
CA ALA B 121 -24.55 18.19 -16.33
C ALA B 121 -25.18 19.54 -16.54
N ALA B 122 -25.21 19.96 -17.79
CA ALA B 122 -25.67 21.28 -18.16
C ALA B 122 -27.16 21.50 -18.28
N GLU B 123 -27.75 20.69 -19.12
CA GLU B 123 -29.16 20.79 -19.39
C GLU B 123 -29.96 20.27 -18.20
N GLU B 124 -29.84 18.94 -18.06
CA GLU B 124 -30.50 18.12 -17.03
C GLU B 124 -30.20 18.59 -15.62
N LEU B 125 -28.96 18.45 -15.22
CA LEU B 125 -28.62 18.85 -13.88
C LEU B 125 -28.64 20.31 -13.63
N GLN B 126 -28.60 20.98 -14.76
CA GLN B 126 -28.64 22.41 -14.68
C GLN B 126 -27.44 23.00 -13.98
N LEU B 127 -26.24 22.56 -14.33
CA LEU B 127 -25.05 23.15 -13.72
C LEU B 127 -24.26 24.02 -14.74
N PRO B 128 -23.45 24.96 -14.24
CA PRO B 128 -22.58 25.82 -15.04
C PRO B 128 -21.37 25.11 -15.67
N THR B 129 -21.20 25.24 -17.00
CA THR B 129 -20.12 24.65 -17.75
C THR B 129 -19.60 25.65 -18.79
N SER B 130 -18.75 25.17 -19.69
CA SER B 130 -18.23 26.00 -20.75
C SER B 130 -19.36 26.05 -21.76
N THR B 131 -19.22 26.93 -22.74
CA THR B 131 -20.15 27.10 -23.85
C THR B 131 -19.81 26.00 -24.86
N TYR B 132 -20.71 25.69 -25.78
CA TYR B 132 -20.39 24.64 -26.73
C TYR B 132 -21.52 24.35 -27.69
N ARG B 133 -21.27 23.35 -28.50
CA ARG B 133 -22.22 22.92 -29.48
C ARG B 133 -21.70 21.65 -30.11
N PHE B 134 -22.41 21.18 -31.11
CA PHE B 134 -22.02 19.93 -31.71
C PHE B 134 -21.96 19.86 -33.24
N ALA B 135 -20.74 19.76 -33.74
CA ALA B 135 -20.59 19.63 -35.16
C ALA B 135 -20.30 18.17 -35.43
N ASP B 136 -20.70 17.77 -36.62
CA ASP B 136 -20.55 16.45 -37.16
C ASP B 136 -19.94 16.47 -38.59
N SER B 137 -19.46 17.66 -39.11
CA SER B 137 -18.83 17.95 -40.47
C SER B 137 -17.80 19.12 -40.55
N GLU B 138 -16.84 19.20 -41.52
CA GLU B 138 -15.92 20.35 -41.60
C GLU B 138 -16.77 21.62 -41.70
N SER B 139 -17.90 21.44 -42.38
CA SER B 139 -18.89 22.48 -42.56
C SER B 139 -19.67 22.58 -41.27
N LEU B 140 -20.07 21.40 -40.74
CA LEU B 140 -20.76 21.40 -39.44
C LEU B 140 -19.80 22.02 -38.40
N PHE B 141 -18.43 21.64 -38.35
CA PHE B 141 -17.21 22.03 -37.52
C PHE B 141 -17.05 23.53 -37.57
N ARG B 142 -16.84 23.99 -38.82
CA ARG B 142 -16.65 25.37 -39.28
C ARG B 142 -17.69 26.30 -38.66
N GLU B 143 -18.97 26.03 -39.01
CA GLU B 143 -20.14 26.75 -38.50
C GLU B 143 -20.19 26.90 -36.98
N ALA B 144 -19.91 25.82 -36.27
CA ALA B 144 -19.91 25.77 -34.81
C ALA B 144 -18.89 26.70 -34.15
N VAL B 145 -17.62 26.48 -34.52
CA VAL B 145 -16.47 27.22 -34.03
C VAL B 145 -16.73 28.72 -34.20
N ALA B 146 -17.61 29.00 -35.16
CA ALA B 146 -18.04 30.35 -35.47
C ALA B 146 -19.03 30.82 -34.40
N ASP B 147 -19.78 29.85 -33.92
CA ASP B 147 -20.78 30.08 -32.90
C ASP B 147 -20.17 30.21 -31.53
N ILE B 148 -19.02 29.57 -31.39
CA ILE B 148 -18.29 29.64 -30.14
C ILE B 148 -17.43 30.91 -30.18
N GLY B 149 -16.57 30.96 -31.21
CA GLY B 149 -15.64 32.06 -31.45
C GLY B 149 -14.27 31.78 -30.84
N TYR B 150 -13.36 32.72 -31.06
CA TYR B 150 -12.03 32.60 -30.50
C TYR B 150 -11.98 33.15 -29.07
N PRO B 151 -11.25 32.45 -28.22
CA PRO B 151 -10.61 31.26 -28.73
C PRO B 151 -11.55 30.12 -28.40
N CYS B 152 -11.14 28.89 -28.63
CA CYS B 152 -12.05 27.83 -28.30
C CYS B 152 -11.36 26.49 -28.28
N ILE B 153 -12.13 25.46 -27.92
CA ILE B 153 -11.53 24.13 -27.90
C ILE B 153 -12.23 23.11 -28.78
N VAL B 154 -11.42 22.26 -29.41
CA VAL B 154 -11.89 21.21 -30.31
C VAL B 154 -11.46 19.84 -29.83
N LYS B 155 -12.50 19.09 -29.42
CA LYS B 155 -12.33 17.77 -28.90
C LYS B 155 -13.20 16.70 -29.50
N PRO B 156 -12.55 15.58 -29.80
CA PRO B 156 -13.32 14.47 -30.30
C PRO B 156 -14.29 14.05 -29.19
N VAL B 157 -15.56 13.73 -29.48
CA VAL B 157 -16.44 13.30 -28.39
C VAL B 157 -16.01 11.97 -27.85
N MET B 158 -14.87 11.47 -28.36
CA MET B 158 -14.22 10.21 -27.98
C MET B 158 -12.69 10.35 -27.91
N SER B 159 -12.30 11.44 -27.18
CA SER B 159 -10.94 11.91 -26.90
C SER B 159 -10.58 11.86 -25.42
N SER B 160 -9.27 11.88 -25.14
CA SER B 160 -8.69 11.83 -23.79
C SER B 160 -7.23 12.29 -23.82
N SER B 161 -6.76 12.89 -22.71
CA SER B 161 -5.40 13.39 -22.58
C SER B 161 -5.14 14.44 -23.64
N GLY B 162 -6.23 15.03 -24.09
CA GLY B 162 -6.10 15.94 -25.21
C GLY B 162 -5.87 15.18 -26.57
N LYS B 163 -6.11 13.83 -26.65
CA LYS B 163 -5.95 13.00 -27.88
C LYS B 163 -6.90 13.50 -29.00
N GLY B 164 -6.44 14.30 -29.97
CA GLY B 164 -7.35 14.80 -30.99
C GLY B 164 -7.88 16.22 -30.68
N GLN B 165 -7.29 16.93 -29.71
CA GLN B 165 -7.77 18.29 -29.36
C GLN B 165 -7.01 19.43 -30.04
N THR B 166 -7.66 20.62 -30.14
CA THR B 166 -7.02 21.78 -30.76
C THR B 166 -7.42 23.13 -30.12
N PHE B 167 -6.45 23.93 -29.66
CA PHE B 167 -6.76 25.22 -29.07
C PHE B 167 -6.83 26.26 -30.16
N ILE B 168 -8.05 26.62 -30.54
CA ILE B 168 -8.18 27.55 -31.63
C ILE B 168 -8.45 28.99 -31.31
N ARG B 169 -7.45 29.78 -31.72
CA ARG B 169 -7.42 31.22 -31.63
C ARG B 169 -7.61 31.77 -33.04
N SER B 170 -7.26 30.94 -34.05
CA SER B 170 -7.36 31.34 -35.44
C SER B 170 -8.00 30.35 -36.42
N ALA B 171 -8.57 31.00 -37.43
CA ALA B 171 -9.25 30.33 -38.49
C ALA B 171 -8.34 29.43 -39.30
N GLU B 172 -7.09 29.89 -39.47
CA GLU B 172 -6.06 29.16 -40.20
C GLU B 172 -6.01 27.70 -39.75
N GLN B 173 -5.98 27.50 -38.43
CA GLN B 173 -5.95 26.18 -37.83
C GLN B 173 -6.98 25.23 -38.42
N LEU B 174 -8.27 25.63 -38.45
CA LEU B 174 -9.40 24.84 -38.92
C LEU B 174 -9.08 23.87 -40.02
N ALA B 175 -8.05 24.19 -40.78
CA ALA B 175 -7.63 23.26 -41.80
C ALA B 175 -7.16 22.05 -40.98
N GLN B 176 -6.18 22.30 -40.08
CA GLN B 176 -5.51 21.38 -39.12
C GLN B 176 -6.48 20.55 -38.30
N ALA B 177 -7.11 21.27 -37.37
CA ALA B 177 -8.06 20.84 -36.38
C ALA B 177 -9.10 19.85 -36.82
N TRP B 178 -9.84 20.24 -37.84
CA TRP B 178 -10.84 19.30 -38.25
C TRP B 178 -10.18 17.98 -38.58
N LYS B 179 -8.96 18.03 -39.15
CA LYS B 179 -8.14 16.84 -39.51
C LYS B 179 -7.72 16.06 -38.26
N TYR B 180 -7.02 16.78 -37.37
CA TYR B 180 -6.53 16.24 -36.11
C TYR B 180 -7.66 15.56 -35.34
N ALA B 181 -8.84 16.22 -35.35
CA ALA B 181 -10.02 15.68 -34.68
C ALA B 181 -10.33 14.26 -35.18
N GLN B 182 -9.75 13.95 -36.33
CA GLN B 182 -9.92 12.66 -36.96
C GLN B 182 -8.70 11.76 -36.77
N GLN B 183 -7.54 12.39 -36.55
CA GLN B 183 -6.27 11.72 -36.27
C GLN B 183 -6.53 10.80 -35.07
N GLY B 184 -7.05 11.42 -33.99
CA GLY B 184 -7.42 10.79 -32.73
C GLY B 184 -8.82 10.20 -32.69
N GLY B 185 -9.20 9.68 -31.50
CA GLY B 185 -10.49 9.04 -31.29
C GLY B 185 -10.56 7.70 -32.01
N ARG B 186 -11.73 7.40 -32.61
CA ARG B 186 -11.93 6.18 -33.40
C ARG B 186 -10.90 6.22 -34.55
N ALA B 187 -11.13 7.36 -35.24
CA ALA B 187 -10.49 7.93 -36.41
C ALA B 187 -11.20 7.53 -37.72
N GLY B 190 -14.89 9.93 -37.44
CA GLY B 190 -15.24 10.81 -36.27
C GLY B 190 -16.35 11.92 -36.51
N ARG B 191 -16.64 12.54 -35.25
CA ARG B 191 -17.53 13.65 -34.78
C ARG B 191 -16.90 14.40 -33.57
N VAL B 192 -17.13 15.73 -33.45
CA VAL B 192 -16.55 16.57 -32.41
C VAL B 192 -17.51 17.43 -31.58
N ILE B 193 -16.88 18.15 -30.65
CA ILE B 193 -17.47 19.10 -29.73
C ILE B 193 -16.53 20.27 -29.60
N VAL B 194 -17.15 21.45 -29.67
CA VAL B 194 -16.46 22.71 -29.63
C VAL B 194 -16.84 23.48 -28.39
N GLU B 195 -15.84 23.81 -27.57
CA GLU B 195 -16.01 24.54 -26.33
C GLU B 195 -15.45 25.94 -26.37
N GLY B 196 -16.18 26.82 -25.67
CA GLY B 196 -15.87 28.22 -25.54
C GLY B 196 -15.38 28.60 -24.17
N VAL B 197 -14.06 28.62 -24.15
CA VAL B 197 -13.25 28.91 -23.02
C VAL B 197 -13.48 30.11 -22.14
N VAL B 198 -13.35 29.55 -20.94
CA VAL B 198 -13.40 29.87 -19.53
C VAL B 198 -12.04 30.25 -18.94
N LYS B 199 -12.00 31.50 -18.47
CA LYS B 199 -10.80 32.04 -17.90
C LYS B 199 -10.91 31.99 -16.42
N PHE B 200 -10.38 30.88 -15.95
CA PHE B 200 -10.38 30.54 -14.56
C PHE B 200 -9.15 30.96 -13.81
N ASP B 201 -9.37 31.19 -12.51
CA ASP B 201 -8.29 31.52 -11.61
C ASP B 201 -7.39 30.29 -11.49
N PHE B 202 -8.01 29.13 -11.27
CA PHE B 202 -7.28 27.88 -11.16
C PHE B 202 -8.26 26.75 -11.30
N GLU B 203 -7.72 25.55 -11.58
CA GLU B 203 -8.49 24.35 -11.79
C GLU B 203 -8.26 23.40 -10.60
N ILE B 204 -9.30 22.62 -10.29
CA ILE B 204 -9.25 21.66 -9.18
C ILE B 204 -9.92 20.37 -9.56
N THR B 205 -9.48 19.33 -8.86
CA THR B 205 -10.10 18.04 -8.98
C THR B 205 -10.69 17.85 -7.57
N LEU B 206 -11.98 17.62 -7.54
CA LEU B 206 -12.68 17.38 -6.30
C LEU B 206 -13.02 15.91 -6.29
N LEU B 207 -12.15 15.14 -5.59
CA LEU B 207 -12.28 13.68 -5.48
C LEU B 207 -13.38 13.43 -4.45
N THR B 208 -14.44 12.91 -4.99
CA THR B 208 -15.72 12.74 -4.34
C THR B 208 -16.12 11.31 -4.25
N VAL B 209 -16.28 10.85 -3.00
CA VAL B 209 -16.61 9.45 -2.86
C VAL B 209 -18.07 9.24 -2.52
N SER B 210 -18.72 8.35 -3.24
CA SER B 210 -20.10 8.04 -3.03
C SER B 210 -20.13 6.63 -2.44
N ALA B 211 -20.58 6.50 -1.19
CA ALA B 211 -20.56 5.20 -0.55
C ALA B 211 -21.82 4.98 0.25
N VAL B 212 -21.86 3.86 0.97
CA VAL B 212 -23.02 3.54 1.77
C VAL B 212 -23.46 4.65 2.75
N ASP B 213 -22.50 5.38 3.32
CA ASP B 213 -22.80 6.43 4.29
C ASP B 213 -22.88 7.79 3.63
N GLY B 214 -23.20 7.80 2.32
CA GLY B 214 -23.35 9.06 1.62
C GLY B 214 -22.10 9.52 0.89
N VAL B 215 -22.12 10.78 0.53
CA VAL B 215 -21.05 11.41 -0.23
C VAL B 215 -20.14 12.23 0.63
N HIS B 216 -18.82 11.95 0.49
CA HIS B 216 -17.77 12.63 1.19
C HIS B 216 -16.75 13.18 0.19
N PHE B 217 -16.06 14.21 0.61
CA PHE B 217 -15.14 14.86 -0.28
C PHE B 217 -13.75 14.95 0.29
N CYS B 218 -12.77 14.81 -0.62
CA CYS B 218 -11.40 15.04 -0.22
C CYS B 218 -11.13 16.54 -0.36
N ALA B 219 -10.14 17.06 0.34
CA ALA B 219 -9.81 18.45 0.15
C ALA B 219 -9.50 18.65 -1.36
N PRO B 220 -9.86 19.83 -1.89
CA PRO B 220 -9.61 20.13 -3.28
C PRO B 220 -8.12 19.94 -3.66
N VAL B 221 -7.95 19.34 -4.84
CA VAL B 221 -6.63 19.12 -5.41
C VAL B 221 -6.40 20.07 -6.58
N GLY B 222 -5.36 20.88 -6.46
CA GLY B 222 -5.00 21.79 -7.54
C GLY B 222 -3.99 21.08 -8.42
N HIS B 223 -3.91 21.46 -9.68
CA HIS B 223 -2.92 20.83 -10.55
C HIS B 223 -2.53 21.72 -11.70
N ARG B 224 -1.38 21.36 -12.28
CA ARG B 224 -0.83 22.05 -13.44
C ARG B 224 -0.76 21.11 -14.64
N GLN B 225 -1.40 21.47 -15.75
CA GLN B 225 -1.42 20.66 -16.95
C GLN B 225 -0.47 21.20 -17.99
N GLU B 226 0.12 20.32 -18.78
CA GLU B 226 1.04 20.75 -19.80
C GLU B 226 1.08 19.73 -20.88
N ASP B 227 0.81 20.19 -22.09
CA ASP B 227 0.84 19.29 -23.23
C ASP B 227 -0.07 18.07 -23.05
N GLY B 228 -1.18 18.24 -22.31
CA GLY B 228 -2.18 17.18 -22.11
C GLY B 228 -1.85 16.22 -21.01
N ASP B 229 -0.83 16.58 -20.24
CA ASP B 229 -0.44 15.74 -19.14
C ASP B 229 -0.35 16.57 -17.87
N TYR B 230 -0.93 16.08 -16.79
CA TYR B 230 -0.73 16.77 -15.53
C TYR B 230 0.75 16.66 -15.16
N ARG B 231 1.34 17.72 -14.61
CA ARG B 231 2.74 17.73 -14.25
C ARG B 231 2.91 17.64 -12.76
N GLU B 232 2.21 18.55 -12.08
CA GLU B 232 2.16 18.62 -10.64
C GLU B 232 0.71 18.74 -10.19
N SER B 233 0.44 18.26 -8.95
CA SER B 233 -0.85 18.31 -8.24
C SER B 233 -0.54 18.61 -6.80
N TRP B 234 -1.51 19.24 -6.15
CA TRP B 234 -1.31 19.66 -4.77
C TRP B 234 -2.63 19.70 -4.01
N GLN B 235 -2.46 19.59 -2.69
CA GLN B 235 -3.58 19.53 -1.78
C GLN B 235 -3.17 20.08 -0.42
N PRO B 236 -4.06 20.90 0.18
CA PRO B 236 -5.32 21.33 -0.44
C PRO B 236 -5.10 22.65 -1.23
N GLN B 237 -5.85 22.74 -2.35
CA GLN B 237 -5.84 23.95 -3.17
C GLN B 237 -6.59 25.00 -2.34
N GLN B 238 -6.01 26.19 -2.17
CA GLN B 238 -6.66 27.26 -1.42
C GLN B 238 -7.80 27.86 -2.19
N MET B 239 -8.97 27.89 -1.60
CA MET B 239 -10.10 28.51 -2.26
C MET B 239 -11.06 29.12 -1.24
N SER B 240 -12.18 29.69 -1.68
CA SER B 240 -13.11 30.26 -0.73
C SER B 240 -14.09 29.19 -0.28
N PRO B 241 -14.49 29.35 0.99
CA PRO B 241 -15.44 28.46 1.59
C PRO B 241 -16.65 28.49 0.75
N LEU B 242 -16.92 29.70 0.26
CA LEU B 242 -18.05 29.76 -0.63
C LEU B 242 -17.79 28.98 -1.93
N ALA B 243 -16.56 29.15 -2.47
CA ALA B 243 -16.22 28.46 -3.70
C ALA B 243 -16.25 26.95 -3.40
N LEU B 244 -15.67 26.61 -2.26
CA LEU B 244 -15.65 25.20 -1.84
C LEU B 244 -17.05 24.60 -1.75
N GLU B 245 -17.95 25.30 -1.03
CA GLU B 245 -19.34 24.93 -0.84
C GLU B 245 -19.98 24.70 -2.19
N ARG B 246 -19.76 25.66 -3.10
CA ARG B 246 -20.35 25.51 -4.43
C ARG B 246 -19.81 24.32 -5.18
N ALA B 247 -18.48 24.11 -5.06
CA ALA B 247 -17.81 22.99 -5.72
C ALA B 247 -18.40 21.66 -5.23
N GLN B 248 -18.56 21.59 -3.92
CA GLN B 248 -19.11 20.39 -3.33
C GLN B 248 -20.50 20.07 -3.77
N GLU B 249 -21.29 21.14 -3.91
CA GLU B 249 -22.68 20.97 -4.34
C GLU B 249 -22.76 20.44 -5.77
N ILE B 250 -21.90 21.02 -6.61
CA ILE B 250 -21.85 20.57 -7.99
C ILE B 250 -21.43 19.08 -8.05
N ALA B 251 -20.39 18.73 -7.26
CA ALA B 251 -19.85 17.37 -7.23
C ALA B 251 -20.88 16.35 -6.77
N ARG B 252 -21.55 16.70 -5.67
CA ARG B 252 -22.58 15.80 -5.15
C ARG B 252 -23.62 15.52 -6.20
N LYS B 253 -24.13 16.63 -6.77
CA LYS B 253 -25.15 16.53 -7.81
C LYS B 253 -24.80 15.62 -8.97
N VAL B 254 -23.57 15.81 -9.43
CA VAL B 254 -23.04 15.01 -10.51
C VAL B 254 -22.93 13.53 -10.14
N VAL B 255 -22.24 13.29 -8.99
CA VAL B 255 -22.03 11.91 -8.60
C VAL B 255 -23.31 11.13 -8.35
N LEU B 256 -24.22 11.83 -7.68
CA LEU B 256 -25.51 11.29 -7.34
C LEU B 256 -26.30 11.03 -8.60
N ALA B 257 -26.13 11.92 -9.59
CA ALA B 257 -26.82 11.73 -10.87
C ALA B 257 -26.21 10.58 -11.68
N LEU B 258 -24.87 10.41 -11.60
CA LEU B 258 -24.21 9.31 -12.30
C LEU B 258 -24.64 7.94 -11.71
N GLY B 259 -24.68 7.92 -10.36
CA GLY B 259 -25.13 6.73 -9.64
C GLY B 259 -24.00 5.75 -9.34
N GLY B 260 -24.23 4.93 -8.34
CA GLY B 260 -23.26 3.92 -7.94
C GLY B 260 -22.19 4.37 -6.97
N TYR B 261 -21.65 3.39 -6.24
CA TYR B 261 -20.59 3.64 -5.27
C TYR B 261 -19.20 3.67 -5.94
N GLY B 262 -18.40 4.61 -5.50
CA GLY B 262 -17.10 4.72 -6.04
C GLY B 262 -16.54 6.07 -5.80
N LEU B 263 -15.28 6.19 -6.18
CA LEU B 263 -14.59 7.46 -6.08
C LEU B 263 -14.67 8.14 -7.46
N PHE B 264 -15.09 9.41 -7.50
CA PHE B 264 -15.26 10.16 -8.76
C PHE B 264 -14.29 11.34 -8.83
N GLY B 265 -13.76 11.67 -10.00
CA GLY B 265 -12.86 12.82 -10.04
C GLY B 265 -13.61 13.97 -10.72
N VAL B 266 -14.08 14.92 -9.93
CA VAL B 266 -14.84 16.04 -10.46
C VAL B 266 -13.91 17.20 -10.79
N GLU B 267 -13.86 17.54 -12.12
CA GLU B 267 -13.03 18.62 -12.65
C GLU B 267 -13.86 19.88 -12.75
N LEU B 268 -13.35 20.92 -12.10
CA LEU B 268 -14.00 22.21 -12.02
C LEU B 268 -13.02 23.32 -12.24
N PHE B 269 -13.56 24.49 -12.66
CA PHE B 269 -12.80 25.72 -12.86
C PHE B 269 -13.24 26.67 -11.77
N VAL B 270 -12.29 27.38 -11.19
CA VAL B 270 -12.59 28.28 -10.11
C VAL B 270 -12.20 29.70 -10.45
N CYS B 271 -13.21 30.54 -10.57
CA CYS B 271 -13.02 31.95 -10.87
C CYS B 271 -13.68 32.70 -9.75
N GLY B 272 -12.84 33.17 -8.87
CA GLY B 272 -13.32 33.82 -7.71
C GLY B 272 -14.12 32.89 -6.83
N ASP B 273 -15.40 33.19 -6.71
CA ASP B 273 -16.27 32.41 -5.87
C ASP B 273 -17.14 31.58 -6.75
N GLU B 274 -16.88 31.72 -8.02
CA GLU B 274 -17.65 30.97 -8.96
C GLU B 274 -16.92 29.70 -9.33
N VAL B 275 -17.71 28.67 -9.60
CA VAL B 275 -17.26 27.35 -9.98
C VAL B 275 -18.01 26.84 -11.23
N ILE B 276 -17.26 26.26 -12.16
CA ILE B 276 -17.83 25.73 -13.37
C ILE B 276 -17.44 24.27 -13.55
N PHE B 277 -18.41 23.43 -13.82
CA PHE B 277 -18.14 22.04 -14.02
C PHE B 277 -17.53 21.82 -15.38
N SER B 278 -16.41 21.11 -15.39
CA SER B 278 -15.81 20.81 -16.65
C SER B 278 -16.16 19.39 -17.06
N GLU B 279 -15.72 18.38 -16.31
CA GLU B 279 -16.03 16.98 -16.60
C GLU B 279 -15.84 16.17 -15.33
N VAL B 280 -16.05 14.87 -15.45
CA VAL B 280 -15.88 13.98 -14.32
C VAL B 280 -15.47 12.58 -14.76
N SER B 281 -14.55 11.97 -14.00
CA SER B 281 -14.12 10.59 -14.22
C SER B 281 -14.80 9.72 -13.15
N PRO B 282 -15.52 8.69 -13.54
CA PRO B 282 -16.17 7.83 -12.56
C PRO B 282 -15.16 6.79 -12.03
N ARG B 283 -14.01 7.32 -11.64
CA ARG B 283 -12.95 6.46 -11.14
C ARG B 283 -11.81 7.32 -10.63
N PRO B 284 -10.86 6.73 -9.92
CA PRO B 284 -9.73 7.49 -9.46
C PRO B 284 -9.08 8.24 -10.63
N HIS B 285 -8.60 9.39 -10.32
CA HIS B 285 -8.02 10.35 -11.22
C HIS B 285 -6.51 10.56 -11.01
N ASP B 286 -5.74 10.71 -12.10
CA ASP B 286 -4.30 10.90 -11.97
C ASP B 286 -3.85 11.94 -11.01
N THR B 287 -4.44 13.15 -11.05
CA THR B 287 -3.99 14.20 -10.16
C THR B 287 -4.12 13.78 -8.69
N GLY B 288 -5.06 12.85 -8.49
CA GLY B 288 -5.35 12.33 -7.18
C GLY B 288 -4.22 11.51 -6.59
N MET B 289 -3.18 11.27 -7.38
CA MET B 289 -2.06 10.54 -6.84
C MET B 289 -1.42 11.21 -5.65
N VAL B 290 -1.62 12.53 -5.44
CA VAL B 290 -1.10 13.20 -4.25
C VAL B 290 -1.62 12.56 -2.93
N THR B 291 -2.82 11.99 -3.01
CA THR B 291 -3.48 11.36 -1.86
C THR B 291 -2.78 10.12 -1.36
N LEU B 292 -1.76 9.67 -2.10
CA LEU B 292 -0.96 8.52 -1.68
C LEU B 292 -0.10 8.98 -0.54
N ILE B 293 0.08 10.29 -0.35
CA ILE B 293 0.87 10.78 0.73
C ILE B 293 0.11 11.78 1.63
N SER B 294 -0.98 12.33 1.15
CA SER B 294 -1.66 13.42 1.85
C SER B 294 -2.86 13.06 2.71
N GLN B 295 -3.34 11.84 2.63
CA GLN B 295 -4.50 11.49 3.37
C GLN B 295 -4.37 10.15 4.05
N ASP B 296 -5.30 9.85 4.99
CA ASP B 296 -5.31 8.55 5.63
C ASP B 296 -5.65 7.46 4.64
N LEU B 297 -6.64 7.72 3.80
CA LEU B 297 -7.04 6.83 2.74
C LEU B 297 -6.77 7.50 1.42
N SER B 298 -6.02 6.83 0.57
CA SER B 298 -5.73 7.39 -0.73
C SER B 298 -7.00 7.29 -1.54
N GLU B 299 -7.06 7.96 -2.68
CA GLU B 299 -8.26 7.87 -3.50
C GLU B 299 -8.56 6.43 -3.91
N PHE B 300 -7.50 5.59 -3.99
CA PHE B 300 -7.64 4.19 -4.36
C PHE B 300 -8.29 3.38 -3.23
N ALA B 301 -7.82 3.63 -2.01
CA ALA B 301 -8.35 2.97 -0.83
C ALA B 301 -9.85 3.39 -0.74
N LEU B 302 -10.14 4.67 -1.01
CA LEU B 302 -11.52 5.16 -0.97
C LEU B 302 -12.40 4.50 -1.99
N HIS B 303 -11.86 4.35 -3.21
CA HIS B 303 -12.58 3.71 -4.28
C HIS B 303 -13.01 2.32 -3.88
N VAL B 304 -12.03 1.58 -3.36
CA VAL B 304 -12.29 0.20 -2.96
C VAL B 304 -13.30 0.11 -1.79
N ARG B 305 -13.03 0.91 -0.75
CA ARG B 305 -13.93 1.02 0.45
C ARG B 305 -15.37 1.23 -0.02
N ALA B 306 -15.56 2.24 -0.88
CA ALA B 306 -16.88 2.55 -1.43
C ALA B 306 -17.53 1.47 -2.23
N PHE B 307 -16.82 0.95 -3.24
CA PHE B 307 -17.43 -0.10 -4.06
C PHE B 307 -17.75 -1.42 -3.33
N LEU B 308 -16.98 -1.67 -2.27
CA LEU B 308 -17.20 -2.86 -1.45
C LEU B 308 -18.43 -2.71 -0.54
N GLY B 309 -19.06 -1.54 -0.54
CA GLY B 309 -20.25 -1.32 0.29
C GLY B 309 -19.94 -0.97 1.74
N LEU B 310 -18.74 -0.49 1.93
CA LEU B 310 -18.30 -0.12 3.24
C LEU B 310 -18.40 1.38 3.39
N PRO B 311 -18.52 1.80 4.64
CA PRO B 311 -18.64 3.22 4.91
C PRO B 311 -17.31 3.91 4.97
N VAL B 312 -17.30 5.17 4.54
CA VAL B 312 -16.11 6.01 4.55
C VAL B 312 -15.92 6.71 5.87
N GLY B 313 -17.03 7.33 6.35
CA GLY B 313 -17.02 8.06 7.60
C GLY B 313 -16.30 9.40 7.54
N GLY B 314 -15.03 9.38 7.20
CA GLY B 314 -14.32 10.65 7.08
C GLY B 314 -13.01 10.48 6.32
N ILE B 315 -12.40 11.60 5.97
CA ILE B 315 -11.14 11.64 5.24
C ILE B 315 -10.17 12.58 5.91
N ARG B 316 -9.07 12.07 6.39
CA ARG B 316 -8.15 12.94 7.06
C ARG B 316 -7.10 13.42 6.09
N GLN B 317 -6.81 14.71 6.12
CA GLN B 317 -5.83 15.34 5.26
C GLN B 317 -4.65 15.73 6.13
N TYR B 318 -3.46 15.27 5.77
CA TYR B 318 -2.27 15.53 6.59
C TYR B 318 -1.55 16.86 6.37
N GLY B 319 -2.15 17.91 5.80
CA GLY B 319 -1.35 19.11 5.58
C GLY B 319 -0.94 19.25 4.08
N PRO B 320 -0.25 20.34 3.75
CA PRO B 320 0.17 20.61 2.34
C PRO B 320 0.98 19.46 1.76
N ALA B 321 0.60 19.07 0.57
CA ALA B 321 1.26 17.94 -0.07
C ALA B 321 1.19 18.13 -1.57
N ALA B 322 2.07 17.40 -2.28
CA ALA B 322 2.07 17.48 -3.73
C ALA B 322 2.58 16.21 -4.38
N SER B 323 2.23 16.06 -5.65
CA SER B 323 2.76 14.99 -6.51
C SER B 323 3.42 15.67 -7.68
N ALA B 324 4.46 15.06 -8.21
CA ALA B 324 5.17 15.54 -9.40
C ALA B 324 5.51 14.31 -10.23
N VAL B 325 5.08 14.27 -11.49
CA VAL B 325 5.28 13.10 -12.35
C VAL B 325 6.71 12.89 -12.83
N ILE B 326 7.02 11.61 -13.02
CA ILE B 326 8.29 11.20 -13.59
C ILE B 326 7.88 10.83 -15.02
N LEU B 327 8.14 11.77 -15.95
CA LEU B 327 7.67 11.69 -17.33
C LEU B 327 8.78 11.91 -18.35
N PRO B 328 9.60 10.89 -18.47
CA PRO B 328 10.68 10.91 -19.41
C PRO B 328 10.18 10.66 -20.84
N GLN B 329 11.11 10.85 -21.79
CA GLN B 329 10.75 10.62 -23.17
C GLN B 329 11.98 10.01 -23.89
N LEU B 330 11.79 8.73 -24.21
CA LEU B 330 12.82 7.92 -24.81
C LEU B 330 12.26 6.62 -25.29
N THR B 331 13.13 5.78 -25.89
CA THR B 331 12.64 4.53 -26.39
C THR B 331 13.52 3.45 -25.75
N SER B 332 12.91 2.52 -25.01
CA SER B 332 13.64 1.48 -24.28
C SER B 332 12.70 0.39 -23.83
N GLN B 333 13.26 -0.81 -23.61
CA GLN B 333 12.51 -1.92 -23.08
C GLN B 333 13.24 -2.41 -21.82
N ASN B 334 14.11 -1.59 -21.29
CA ASN B 334 14.85 -2.04 -20.11
C ASN B 334 15.23 -0.83 -19.31
N VAL B 335 14.19 -0.03 -18.97
CA VAL B 335 14.44 1.23 -18.26
C VAL B 335 15.01 1.08 -16.87
N THR B 336 15.96 1.93 -16.51
CA THR B 336 16.49 1.88 -15.18
C THR B 336 16.39 3.28 -14.66
N PHE B 337 16.43 3.43 -13.35
CA PHE B 337 16.33 4.69 -12.64
C PHE B 337 17.46 4.85 -11.66
N ASP B 338 18.30 5.84 -11.94
CA ASP B 338 19.47 6.15 -11.15
C ASP B 338 19.33 7.40 -10.29
N ASN B 339 20.24 7.58 -9.32
CA ASN B 339 20.20 8.74 -8.47
C ASN B 339 18.95 8.80 -7.60
N VAL B 340 18.35 7.64 -7.42
CA VAL B 340 17.15 7.47 -6.62
C VAL B 340 17.35 7.99 -5.20
N GLN B 341 18.58 7.95 -4.68
CA GLN B 341 18.84 8.43 -3.33
C GLN B 341 18.57 9.92 -3.17
N ASN B 342 18.48 10.63 -4.30
CA ASN B 342 18.26 12.04 -4.22
C ASN B 342 16.84 12.41 -4.51
N ALA B 343 16.02 11.40 -4.56
CA ALA B 343 14.61 11.52 -4.83
C ALA B 343 13.69 11.06 -3.66
N VAL B 344 14.30 10.68 -2.53
CA VAL B 344 13.59 10.21 -1.34
C VAL B 344 14.17 10.80 -0.08
N GLY B 345 13.42 10.84 1.00
CA GLY B 345 13.98 11.47 2.18
C GLY B 345 12.86 11.78 3.15
N ALA B 346 13.11 12.73 4.03
CA ALA B 346 12.01 13.08 4.95
C ALA B 346 10.81 13.67 4.17
N ASP B 347 9.59 13.21 4.46
CA ASP B 347 8.39 13.72 3.80
C ASP B 347 8.51 13.65 2.30
N LEU B 348 9.14 12.62 1.75
CA LEU B 348 9.33 12.54 0.33
C LEU B 348 9.47 11.08 -0.05
N GLN B 349 8.71 10.68 -1.05
CA GLN B 349 8.73 9.30 -1.53
C GLN B 349 8.54 9.28 -3.01
N ILE B 350 8.82 8.15 -3.64
CA ILE B 350 8.56 8.04 -5.05
C ILE B 350 7.91 6.69 -5.29
N ARG B 351 7.21 6.64 -6.40
CA ARG B 351 6.61 5.45 -6.91
C ARG B 351 7.20 5.21 -8.30
N LEU B 352 7.57 3.97 -8.63
CA LEU B 352 8.07 3.60 -9.96
C LEU B 352 7.13 2.51 -10.36
N PHE B 353 6.38 2.75 -11.43
CA PHE B 353 5.33 1.91 -11.86
C PHE B 353 5.53 0.48 -12.35
N GLY B 354 6.73 0.16 -12.86
CA GLY B 354 6.92 -1.18 -13.40
C GLY B 354 6.53 -1.31 -14.88
N LYS B 355 6.27 -0.19 -15.61
CA LYS B 355 5.92 -0.24 -17.04
C LYS B 355 7.06 -0.93 -17.79
N PRO B 356 6.71 -1.87 -18.67
CA PRO B 356 7.69 -2.74 -19.34
C PRO B 356 8.64 -2.11 -20.33
N GLU B 357 8.20 -1.02 -20.94
CA GLU B 357 9.02 -0.32 -21.93
C GLU B 357 8.41 1.05 -22.14
N ILE B 358 9.03 1.86 -22.99
CA ILE B 358 8.56 3.20 -23.31
C ILE B 358 9.02 3.47 -24.75
N ASP B 359 8.28 4.30 -25.44
CA ASP B 359 8.61 4.67 -26.80
C ASP B 359 7.98 6.02 -27.04
N GLY B 360 8.66 7.00 -26.51
CA GLY B 360 8.18 8.35 -26.54
C GLY B 360 8.02 8.83 -25.12
N SER B 361 7.06 9.73 -24.95
CA SER B 361 6.79 10.31 -23.64
C SER B 361 5.90 9.35 -22.84
N ARG B 362 6.26 9.01 -21.61
CA ARG B 362 5.36 8.12 -20.89
C ARG B 362 5.52 8.35 -19.37
N ARG B 363 4.42 8.23 -18.58
CA ARG B 363 4.51 8.44 -17.13
C ARG B 363 5.02 7.16 -16.45
N LEU B 364 6.29 7.18 -16.04
CA LEU B 364 6.89 6.00 -15.47
C LEU B 364 6.88 5.93 -13.96
N GLY B 365 6.58 7.03 -13.28
CA GLY B 365 6.54 7.04 -11.83
C GLY B 365 6.02 8.40 -11.40
N VAL B 366 6.09 8.67 -10.10
CA VAL B 366 5.66 9.93 -9.51
C VAL B 366 6.37 10.16 -8.19
N ALA B 367 6.68 11.42 -7.87
CA ALA B 367 7.32 11.83 -6.63
C ALA B 367 6.21 12.42 -5.78
N LEU B 368 6.29 12.23 -4.49
CA LEU B 368 5.27 12.63 -3.53
C LEU B 368 5.92 13.33 -2.41
N ALA B 369 5.36 14.49 -2.00
CA ALA B 369 5.98 15.21 -0.90
C ALA B 369 4.97 15.93 -0.03
N THR B 370 5.39 16.20 1.20
CA THR B 370 4.63 16.99 2.18
C THR B 370 5.57 18.07 2.68
N ALA B 371 4.97 19.18 3.16
CA ALA B 371 5.73 20.33 3.60
C ALA B 371 4.81 21.28 4.36
N GLU B 372 5.42 22.33 4.88
CA GLU B 372 4.70 23.32 5.67
C GLU B 372 3.76 24.18 4.82
N SER B 373 4.04 24.24 3.51
CA SER B 373 3.24 25.02 2.60
C SER B 373 3.05 24.28 1.32
N VAL B 374 1.97 24.64 0.60
CA VAL B 374 1.68 24.00 -0.65
C VAL B 374 2.81 24.24 -1.63
N VAL B 375 3.27 25.47 -1.65
CA VAL B 375 4.34 25.85 -2.53
C VAL B 375 5.60 25.03 -2.30
N ASP B 376 5.94 24.90 -1.03
CA ASP B 376 7.09 24.12 -0.62
C ASP B 376 6.91 22.66 -0.96
N ALA B 377 5.72 22.15 -0.74
CA ALA B 377 5.49 20.75 -1.08
C ALA B 377 5.76 20.50 -2.56
N ILE B 378 5.23 21.39 -3.42
CA ILE B 378 5.36 21.28 -4.88
C ILE B 378 6.83 21.30 -5.30
N GLU B 379 7.57 22.24 -4.72
CA GLU B 379 8.96 22.29 -5.01
C GLU B 379 9.67 21.02 -4.61
N ARG B 380 9.39 20.51 -3.39
CA ARG B 380 10.03 19.28 -2.89
C ARG B 380 9.74 18.13 -3.84
N ALA B 381 8.49 17.97 -4.20
CA ALA B 381 8.05 16.93 -5.16
C ALA B 381 8.69 17.10 -6.55
N LYS B 382 8.69 18.34 -7.08
CA LYS B 382 9.27 18.62 -8.38
C LYS B 382 10.76 18.31 -8.44
N HIS B 383 11.44 18.78 -7.42
CA HIS B 383 12.84 18.60 -7.34
C HIS B 383 13.20 17.14 -7.35
N ALA B 384 12.48 16.37 -6.52
CA ALA B 384 12.71 14.94 -6.39
C ALA B 384 12.52 14.21 -7.71
N ALA B 385 11.38 14.48 -8.39
CA ALA B 385 11.08 13.88 -9.69
C ALA B 385 12.22 14.17 -10.66
N GLY B 386 12.73 15.42 -10.62
CA GLY B 386 13.83 15.94 -11.43
C GLY B 386 15.19 15.27 -11.15
N GLN B 387 15.40 14.74 -9.95
CA GLN B 387 16.64 14.09 -9.60
C GLN B 387 16.77 12.70 -10.18
N VAL B 388 15.65 12.10 -10.43
CA VAL B 388 15.63 10.73 -10.95
C VAL B 388 16.20 10.73 -12.36
N LYS B 389 17.25 9.95 -12.62
CA LYS B 389 17.90 9.79 -13.92
C LYS B 389 17.34 8.58 -14.63
N VAL B 390 16.52 8.84 -15.66
CA VAL B 390 15.87 7.79 -16.42
C VAL B 390 16.78 7.31 -17.55
N GLN B 391 17.28 6.07 -17.45
CA GLN B 391 18.17 5.49 -18.46
C GLN B 391 17.47 4.48 -19.34
N GLY B 392 17.95 4.29 -20.56
CA GLY B 392 17.28 3.36 -21.47
C GLY B 392 18.14 2.17 -21.83
MG MG C . 10.98 -13.69 19.51
MG MG D . 8.90 -10.95 21.28
C ACT E . 23.99 6.06 -3.46
O ACT E . 22.87 5.88 -2.99
OXT ACT E . 24.29 5.49 -4.52
CH3 ACT E . 24.97 6.96 -2.75
NA NA F . 22.99 -7.07 3.95
PG ANP G . 7.84 -13.18 19.19
O1G ANP G . 6.71 -13.43 18.26
O2G ANP G . 7.96 -11.77 19.72
O3G ANP G . 9.27 -13.64 18.59
PB ANP G . 8.64 -15.13 21.26
O1B ANP G . 8.27 -16.56 21.24
O2B ANP G . 10.05 -14.81 20.97
N3B ANP G . 7.60 -14.19 20.44
PA ANP G . 9.02 -13.47 23.60
O1A ANP G . 10.36 -13.63 24.24
O2A ANP G . 9.10 -12.28 22.73
O3A ANP G . 8.49 -14.71 22.80
O5' ANP G . 7.98 -13.21 24.82
C5' ANP G . 6.60 -12.97 24.48
C4' ANP G . 6.11 -12.04 25.59
O4' ANP G . 6.29 -12.71 26.89
C3' ANP G . 6.91 -10.76 25.78
O3' ANP G . 6.49 -9.78 24.85
C2' ANP G . 6.57 -10.43 27.23
O2' ANP G . 5.22 -9.92 27.31
C1' ANP G . 6.66 -11.80 27.89
N9 ANP G . 8.02 -12.11 28.39
C8 ANP G . 9.00 -12.79 27.77
N7 ANP G . 10.10 -12.89 28.49
C5 ANP G . 9.85 -12.23 29.66
C6 ANP G . 10.62 -12.12 30.83
N6 ANP G . 11.79 -12.54 31.04
N1 ANP G . 9.99 -11.37 31.77
C2 ANP G . 8.72 -10.87 31.63
N3 ANP G . 7.96 -11.07 30.60
C4 ANP G . 8.58 -11.73 29.61
C1 GAR H . 5.33 -14.76 9.54
O6 GAR H . 5.53 -15.11 8.17
C2 GAR H . 5.40 -13.30 9.88
O8 GAR H . 4.84 -12.49 8.84
C3 GAR H . 4.54 -13.27 11.12
O4 GAR H . 3.63 -14.32 11.04
C5 GAR H . 3.90 -15.12 9.92
C10 GAR H . 3.50 -16.51 10.26
O12 GAR H . 2.16 -16.64 10.72
N19 GAR H . 5.34 -13.49 12.28
C21 GAR H . 5.20 -12.91 13.46
O22 GAR H . 4.34 -12.06 13.64
C23 GAR H . 6.12 -13.34 14.56
N24 GAR H . 5.86 -12.60 15.80
P15 GAR H . 1.41 -18.03 10.60
O16 GAR H . 1.95 -18.79 11.80
O17 GAR H . 1.55 -18.76 9.29
O18 GAR H . -0.10 -17.71 10.73
S1 MPO I . 3.90 -18.41 -10.01
O1 MPO I . 4.58 -17.86 -8.80
O2 MPO I . 3.42 -17.32 -10.91
O4 MPO I . -1.05 -15.42 -5.83
N1 MPO I . 0.40 -17.49 -7.12
C1 MPO I . 2.47 -19.44 -9.56
O3 MPO I . 4.90 -19.26 -10.74
C2 MPO I . 1.33 -18.54 -9.15
C3 MPO I . 1.73 -17.84 -7.89
C4 MPO I . -0.37 -16.45 -7.89
C5 MPO I . -1.53 -15.95 -7.06
C6 MPO I . -0.44 -16.43 -5.03
C7 MPO I . 0.75 -17.11 -5.72
MG MG J . -11.99 12.75 -19.21
MG MG K . -9.83 16.40 -17.76
C ACT L . -16.13 33.17 2.81
O ACT L . -17.09 32.71 3.47
OXT ACT L . -16.15 33.11 1.56
CH3 ACT L . -14.93 33.71 3.50
NA NA M . -22.18 -0.95 -9.54
PG ANP N . -8.33 14.20 -19.53
O1G ANP N . -7.13 13.29 -19.39
O2G ANP N . -8.37 15.14 -18.37
O3G ANP N . -9.68 13.34 -19.63
PB ANP N . -9.37 15.26 -21.99
O1B ANP N . -8.91 14.91 -23.38
O2B ANP N . -10.54 14.38 -21.66
N3B ANP N . -8.22 15.04 -20.89
PA ANP N . -9.99 17.91 -20.86
O1A ANP N . -11.30 18.64 -20.98
O2A ANP N . -9.90 17.33 -19.48
O3A ANP N . -9.86 16.77 -21.98
O5' ANP N . -8.79 18.93 -21.14
C5' ANP N . -7.66 18.77 -20.29
C4' ANP N . -7.42 20.13 -19.69
O4' ANP N . -7.96 21.05 -20.67
C3' ANP N . -8.21 20.52 -18.43
O3' ANP N . -7.66 19.95 -17.23
C2' ANP N . -8.19 22.06 -18.58
O2' ANP N . -6.95 22.67 -18.14
C1' ANP N . -8.29 22.25 -20.10
N9 ANP N . -9.64 22.55 -20.57
C8 ANP N . -10.57 21.74 -21.18
N7 ANP N . -11.73 22.34 -21.46
C5 ANP N . -11.50 23.68 -21.11
C6 ANP N . -12.33 24.85 -21.18
N6 ANP N . -13.51 25.04 -21.52
N1 ANP N . -11.73 25.93 -20.64
C2 ANP N . -10.45 25.97 -20.17
N3 ANP N . -9.67 24.91 -20.06
C4 ANP N . -10.23 23.81 -20.58
C1 GAR O . -4.05 4.12 -17.25
O6 GAR O . -4.13 2.70 -17.23
C2 GAR O . -4.23 4.83 -15.93
O8 GAR O . -3.58 4.08 -14.88
C3 GAR O . -3.45 6.11 -16.13
O4 GAR O . -2.45 5.83 -17.08
C5 GAR O . -2.67 4.55 -17.66
C10 GAR O . -2.09 4.44 -19.04
O12 GAR O . -0.71 4.78 -19.01
N19 GAR O . -4.32 7.08 -16.74
C21 GAR O . -4.20 8.39 -16.57
O22 GAR O . -3.33 8.84 -15.83
C23 GAR O . -5.16 9.30 -17.30
N24 GAR O . -4.68 10.70 -17.23
P15 GAR O . 0.11 4.44 -20.36
O16 GAR O . -0.48 5.33 -21.43
O17 GAR O . -0.08 2.99 -20.71
O18 GAR O . 1.48 4.89 -20.02
#